data_1EKA
# 
_entry.id   1EKA 
# 
_audit_conform.dict_name       mmcif_pdbx.dic 
_audit_conform.dict_version    5.392 
_audit_conform.dict_location   http://mmcif.pdb.org/dictionaries/ascii/mmcif_pdbx.dic 
# 
loop_
_database_2.database_id 
_database_2.database_code 
_database_2.pdbx_database_accession 
_database_2.pdbx_DOI 
PDB   1EKA         pdb_00001eka 10.2210/pdb1eka/pdb 
RCSB  RCSB010668   ?            ?                   
WWPDB D_1000010668 ?            ?                   
# 
loop_
_pdbx_audit_revision_history.ordinal 
_pdbx_audit_revision_history.data_content_type 
_pdbx_audit_revision_history.major_revision 
_pdbx_audit_revision_history.minor_revision 
_pdbx_audit_revision_history.revision_date 
1 'Structure model' 1 0 2000-11-13 
2 'Structure model' 1 1 2008-04-27 
3 'Structure model' 1 2 2011-07-13 
4 'Structure model' 1 3 2022-02-16 
5 'Structure model' 1 4 2024-05-22 
# 
_pdbx_audit_revision_details.ordinal             1 
_pdbx_audit_revision_details.revision_ordinal    1 
_pdbx_audit_revision_details.data_content_type   'Structure model' 
_pdbx_audit_revision_details.provider            repository 
_pdbx_audit_revision_details.type                'Initial release' 
_pdbx_audit_revision_details.description         ? 
_pdbx_audit_revision_details.details             ? 
# 
loop_
_pdbx_audit_revision_group.ordinal 
_pdbx_audit_revision_group.revision_ordinal 
_pdbx_audit_revision_group.data_content_type 
_pdbx_audit_revision_group.group 
1 2 'Structure model' 'Version format compliance' 
2 3 'Structure model' 'Version format compliance' 
3 4 'Structure model' 'Database references'       
4 4 'Structure model' 'Derived calculations'      
5 5 'Structure model' 'Data collection'           
# 
loop_
_pdbx_audit_revision_category.ordinal 
_pdbx_audit_revision_category.revision_ordinal 
_pdbx_audit_revision_category.data_content_type 
_pdbx_audit_revision_category.category 
1 4 'Structure model' database_2            
2 4 'Structure model' pdbx_struct_assembly  
3 4 'Structure model' pdbx_struct_oper_list 
4 5 'Structure model' chem_comp_atom        
5 5 'Structure model' chem_comp_bond        
# 
loop_
_pdbx_audit_revision_item.ordinal 
_pdbx_audit_revision_item.revision_ordinal 
_pdbx_audit_revision_item.data_content_type 
_pdbx_audit_revision_item.item 
1 4 'Structure model' '_database_2.pdbx_DOI'                
2 4 'Structure model' '_database_2.pdbx_database_accession' 
# 
_pdbx_database_status.status_code                     REL 
_pdbx_database_status.entry_id                        1EKA 
_pdbx_database_status.recvd_initial_deposition_date   2000-03-07 
_pdbx_database_status.deposit_site                    RCSB 
_pdbx_database_status.process_site                    RCSB 
_pdbx_database_status.status_code_mr                  REL 
_pdbx_database_status.SG_entry                        . 
_pdbx_database_status.pdb_format_compatible           Y 
_pdbx_database_status.status_code_sf                  ? 
_pdbx_database_status.status_code_cs                  ? 
_pdbx_database_status.status_code_nmr_data            ? 
_pdbx_database_status.methods_development_category    ? 
# 
loop_
_audit_author.name 
_audit_author.pdbx_ordinal 
'Chen, X.'       1 
'McDowell, J.A.' 2 
'Kierzek, R.'    3 
'Krugh, T.R.'    4 
'Turner, D.H.'   5 
# 
_citation.id                        primary 
_citation.title                     
;Nuclear magnetic resonance spectroscopy and molecular modeling reveal that different hydrogen bonding patterns are possible for G.U pairs: one hydrogen bond for each G.U pair in r(GGCGUGCC)(2) and two for each G.U pair in r(GAGUGCUC)(2).
;
_citation.journal_abbrev            Biochemistry 
_citation.journal_volume            39 
_citation.page_first                8970 
_citation.page_last                 8982 
_citation.year                      2000 
_citation.journal_id_ASTM           BICHAW 
_citation.country                   US 
_citation.journal_id_ISSN           0006-2960 
_citation.journal_id_CSD            0033 
_citation.book_publisher            ? 
_citation.pdbx_database_id_PubMed   10913310 
_citation.pdbx_database_id_DOI      10.1021/bi992938e 
# 
loop_
_citation_author.citation_id 
_citation_author.name 
_citation_author.ordinal 
_citation_author.identifier_ORCID 
primary 'Chen, X.'       1 ? 
primary 'McDowell, J.A.' 2 ? 
primary 'Kierzek, R.'    3 ? 
primary 'Krugh, T.R.'    4 ? 
primary 'Turner, D.H.'   5 ? 
# 
_entity.id                         1 
_entity.type                       polymer 
_entity.src_method                 syn 
_entity.pdbx_description           
;RNA (5'-R(*GP*AP*GP*UP*GP*CP*UP*C)-3')
;
_entity.formula_weight             2542.561 
_entity.pdbx_number_of_molecules   2 
_entity.pdbx_ec                    ? 
_entity.pdbx_mutation              ? 
_entity.pdbx_fragment              ? 
_entity.details                    ? 
# 
_entity_poly.entity_id                      1 
_entity_poly.type                           polyribonucleotide 
_entity_poly.nstd_linkage                   no 
_entity_poly.nstd_monomer                   no 
_entity_poly.pdbx_seq_one_letter_code       GAGUGCUC 
_entity_poly.pdbx_seq_one_letter_code_can   GAGUGCUC 
_entity_poly.pdbx_strand_id                 A,B 
_entity_poly.pdbx_target_identifier         ? 
# 
loop_
_entity_poly_seq.entity_id 
_entity_poly_seq.num 
_entity_poly_seq.mon_id 
_entity_poly_seq.hetero 
1 1 G n 
1 2 A n 
1 3 G n 
1 4 U n 
1 5 G n 
1 6 C n 
1 7 U n 
1 8 C n 
# 
loop_
_chem_comp.id 
_chem_comp.type 
_chem_comp.mon_nstd_flag 
_chem_comp.name 
_chem_comp.pdbx_synonyms 
_chem_comp.formula 
_chem_comp.formula_weight 
A 'RNA linking' y "ADENOSINE-5'-MONOPHOSPHATE" ? 'C10 H14 N5 O7 P' 347.221 
C 'RNA linking' y "CYTIDINE-5'-MONOPHOSPHATE"  ? 'C9 H14 N3 O8 P'  323.197 
G 'RNA linking' y "GUANOSINE-5'-MONOPHOSPHATE" ? 'C10 H14 N5 O8 P' 363.221 
U 'RNA linking' y "URIDINE-5'-MONOPHOSPHATE"   ? 'C9 H13 N2 O9 P'  324.181 
# 
loop_
_pdbx_poly_seq_scheme.asym_id 
_pdbx_poly_seq_scheme.entity_id 
_pdbx_poly_seq_scheme.seq_id 
_pdbx_poly_seq_scheme.mon_id 
_pdbx_poly_seq_scheme.ndb_seq_num 
_pdbx_poly_seq_scheme.pdb_seq_num 
_pdbx_poly_seq_scheme.auth_seq_num 
_pdbx_poly_seq_scheme.pdb_mon_id 
_pdbx_poly_seq_scheme.auth_mon_id 
_pdbx_poly_seq_scheme.pdb_strand_id 
_pdbx_poly_seq_scheme.pdb_ins_code 
_pdbx_poly_seq_scheme.hetero 
A 1 1 G 1 1 1 G G A . n 
A 1 2 A 2 2 2 A A A . n 
A 1 3 G 3 3 3 G G A . n 
A 1 4 U 4 4 4 U U A . n 
A 1 5 G 5 5 5 G G A . n 
A 1 6 C 6 6 6 C C A . n 
A 1 7 U 7 7 7 U U A . n 
A 1 8 C 8 8 8 C C A . n 
B 1 1 G 1 1 1 G G B . n 
B 1 2 A 2 2 2 A A B . n 
B 1 3 G 3 3 3 G G B . n 
B 1 4 U 4 4 4 U U B . n 
B 1 5 G 5 5 5 G G B . n 
B 1 6 C 6 6 6 C C B . n 
B 1 7 U 7 7 7 U U B . n 
B 1 8 C 8 8 8 C C B . n 
# 
_cell.entry_id           1EKA 
_cell.length_a           1.000 
_cell.length_b           1.000 
_cell.length_c           1.000 
_cell.angle_alpha        90.00 
_cell.angle_beta         90.00 
_cell.angle_gamma        90.00 
_cell.Z_PDB              1 
_cell.pdbx_unique_axis   ? 
# 
_symmetry.entry_id                         1EKA 
_symmetry.space_group_name_H-M             'P 1' 
_symmetry.pdbx_full_space_group_name_H-M   ? 
_symmetry.cell_setting                     ? 
_symmetry.Int_Tables_number                1 
# 
_exptl.entry_id          1EKA 
_exptl.method            'SOLUTION NMR' 
_exptl.crystals_number   ? 
# 
_struct.entry_id                  1EKA 
_struct.title                     
;NMR AND MOLECULAR MODELING REVEAL THAT DIFFERENT HYDROGEN BONDING PATTERNS ARE POSSIBLE FOR GU PAIRS: ONE HYDROGEN BOND FOR EACH GU PAIR IN R(GGCGUGCC)2 AND TWO FOR EACH GU PAIR IN R(GAGUGCUC)2
;
_struct.pdbx_model_details        ? 
_struct.pdbx_CASP_flag            ? 
_struct.pdbx_model_type_details   'minimized average' 
# 
_struct_keywords.entry_id        1EKA 
_struct_keywords.pdbx_keywords   RNA 
_struct_keywords.text            'RNA, GU Pair, Hydrogen Bonds, Duble Helix' 
# 
loop_
_struct_asym.id 
_struct_asym.pdbx_blank_PDB_chainid_flag 
_struct_asym.pdbx_modified 
_struct_asym.entity_id 
_struct_asym.details 
A N N 1 ? 
B N N 1 ? 
# 
_struct_ref.id                         1 
_struct_ref.entity_id                  1 
_struct_ref.db_name                    PDB 
_struct_ref.db_code                    1EKA 
_struct_ref.pdbx_db_accession          1EKA 
_struct_ref.pdbx_db_isoform            ? 
_struct_ref.pdbx_seq_one_letter_code   ? 
_struct_ref.pdbx_align_begin           ? 
# 
loop_
_struct_ref_seq.align_id 
_struct_ref_seq.ref_id 
_struct_ref_seq.pdbx_PDB_id_code 
_struct_ref_seq.pdbx_strand_id 
_struct_ref_seq.seq_align_beg 
_struct_ref_seq.pdbx_seq_align_beg_ins_code 
_struct_ref_seq.seq_align_end 
_struct_ref_seq.pdbx_seq_align_end_ins_code 
_struct_ref_seq.pdbx_db_accession 
_struct_ref_seq.db_align_beg 
_struct_ref_seq.pdbx_db_align_beg_ins_code 
_struct_ref_seq.db_align_end 
_struct_ref_seq.pdbx_db_align_end_ins_code 
_struct_ref_seq.pdbx_auth_seq_align_beg 
_struct_ref_seq.pdbx_auth_seq_align_end 
1 1 1EKA A 1 ? 8 ? 1EKA 1 ? 8 ? 1 8 
2 1 1EKA B 1 ? 8 ? 1EKA 1 ? 8 ? 1 8 
# 
_pdbx_struct_assembly.id                   1 
_pdbx_struct_assembly.details              author_defined_assembly 
_pdbx_struct_assembly.method_details       ? 
_pdbx_struct_assembly.oligomeric_details   dimeric 
_pdbx_struct_assembly.oligomeric_count     2 
# 
_pdbx_struct_assembly_gen.assembly_id       1 
_pdbx_struct_assembly_gen.oper_expression   1 
_pdbx_struct_assembly_gen.asym_id_list      A,B 
# 
_pdbx_struct_oper_list.id                   1 
_pdbx_struct_oper_list.type                 'identity operation' 
_pdbx_struct_oper_list.name                 1_555 
_pdbx_struct_oper_list.symmetry_operation   x,y,z 
_pdbx_struct_oper_list.matrix[1][1]         1.0000000000 
_pdbx_struct_oper_list.matrix[1][2]         0.0000000000 
_pdbx_struct_oper_list.matrix[1][3]         0.0000000000 
_pdbx_struct_oper_list.vector[1]            0.0000000000 
_pdbx_struct_oper_list.matrix[2][1]         0.0000000000 
_pdbx_struct_oper_list.matrix[2][2]         1.0000000000 
_pdbx_struct_oper_list.matrix[2][3]         0.0000000000 
_pdbx_struct_oper_list.vector[2]            0.0000000000 
_pdbx_struct_oper_list.matrix[3][1]         0.0000000000 
_pdbx_struct_oper_list.matrix[3][2]         0.0000000000 
_pdbx_struct_oper_list.matrix[3][3]         1.0000000000 
_pdbx_struct_oper_list.vector[3]            0.0000000000 
# 
_struct_biol.id   1 
# 
loop_
_struct_conn.id 
_struct_conn.conn_type_id 
_struct_conn.pdbx_leaving_atom_flag 
_struct_conn.pdbx_PDB_id 
_struct_conn.ptnr1_label_asym_id 
_struct_conn.ptnr1_label_comp_id 
_struct_conn.ptnr1_label_seq_id 
_struct_conn.ptnr1_label_atom_id 
_struct_conn.pdbx_ptnr1_label_alt_id 
_struct_conn.pdbx_ptnr1_PDB_ins_code 
_struct_conn.pdbx_ptnr1_standard_comp_id 
_struct_conn.ptnr1_symmetry 
_struct_conn.ptnr2_label_asym_id 
_struct_conn.ptnr2_label_comp_id 
_struct_conn.ptnr2_label_seq_id 
_struct_conn.ptnr2_label_atom_id 
_struct_conn.pdbx_ptnr2_label_alt_id 
_struct_conn.pdbx_ptnr2_PDB_ins_code 
_struct_conn.ptnr1_auth_asym_id 
_struct_conn.ptnr1_auth_comp_id 
_struct_conn.ptnr1_auth_seq_id 
_struct_conn.ptnr2_auth_asym_id 
_struct_conn.ptnr2_auth_comp_id 
_struct_conn.ptnr2_auth_seq_id 
_struct_conn.ptnr2_symmetry 
_struct_conn.pdbx_ptnr3_label_atom_id 
_struct_conn.pdbx_ptnr3_label_seq_id 
_struct_conn.pdbx_ptnr3_label_comp_id 
_struct_conn.pdbx_ptnr3_label_asym_id 
_struct_conn.pdbx_ptnr3_label_alt_id 
_struct_conn.pdbx_ptnr3_PDB_ins_code 
_struct_conn.details 
_struct_conn.pdbx_dist_value 
_struct_conn.pdbx_value_order 
_struct_conn.pdbx_role 
hydrog1  hydrog ? ? A G 1 N1 ? ? ? 1_555 B C 8 N3 ? ? A G 1 B C 8 1_555 ? ? ? ? ? ? WATSON-CRICK ? ? ? 
hydrog2  hydrog ? ? A G 1 N2 ? ? ? 1_555 B C 8 O2 ? ? A G 1 B C 8 1_555 ? ? ? ? ? ? WATSON-CRICK ? ? ? 
hydrog3  hydrog ? ? A G 1 O6 ? ? ? 1_555 B C 8 N4 ? ? A G 1 B C 8 1_555 ? ? ? ? ? ? WATSON-CRICK ? ? ? 
hydrog4  hydrog ? ? A A 2 N1 ? ? ? 1_555 B U 7 N3 ? ? A A 2 B U 7 1_555 ? ? ? ? ? ? WATSON-CRICK ? ? ? 
hydrog5  hydrog ? ? A A 2 N6 ? ? ? 1_555 B U 7 O4 ? ? A A 2 B U 7 1_555 ? ? ? ? ? ? WATSON-CRICK ? ? ? 
hydrog6  hydrog ? ? A G 3 N1 ? ? ? 1_555 B C 6 N3 ? ? A G 3 B C 6 1_555 ? ? ? ? ? ? WATSON-CRICK ? ? ? 
hydrog7  hydrog ? ? A G 3 N2 ? ? ? 1_555 B C 6 O2 ? ? A G 3 B C 6 1_555 ? ? ? ? ? ? WATSON-CRICK ? ? ? 
hydrog8  hydrog ? ? A G 3 O6 ? ? ? 1_555 B C 6 N4 ? ? A G 3 B C 6 1_555 ? ? ? ? ? ? WATSON-CRICK ? ? ? 
hydrog9  hydrog ? ? A U 4 N3 ? ? ? 1_555 B G 5 O6 ? ? A U 4 B G 5 1_555 ? ? ? ? ? ? TYPE_28_PAIR ? ? ? 
hydrog10 hydrog ? ? A U 4 O2 ? ? ? 1_555 B G 5 N1 ? ? A U 4 B G 5 1_555 ? ? ? ? ? ? TYPE_28_PAIR ? ? ? 
hydrog11 hydrog ? ? A G 5 N1 ? ? ? 1_555 B U 4 O2 ? ? A G 5 B U 4 1_555 ? ? ? ? ? ? TYPE_28_PAIR ? ? ? 
hydrog12 hydrog ? ? A G 5 O6 ? ? ? 1_555 B U 4 N3 ? ? A G 5 B U 4 1_555 ? ? ? ? ? ? TYPE_28_PAIR ? ? ? 
hydrog13 hydrog ? ? A C 6 N3 ? ? ? 1_555 B G 3 N1 ? ? A C 6 B G 3 1_555 ? ? ? ? ? ? WATSON-CRICK ? ? ? 
hydrog14 hydrog ? ? A C 6 N4 ? ? ? 1_555 B G 3 O6 ? ? A C 6 B G 3 1_555 ? ? ? ? ? ? WATSON-CRICK ? ? ? 
hydrog15 hydrog ? ? A C 6 O2 ? ? ? 1_555 B G 3 N2 ? ? A C 6 B G 3 1_555 ? ? ? ? ? ? WATSON-CRICK ? ? ? 
hydrog16 hydrog ? ? A U 7 N3 ? ? ? 1_555 B A 2 N1 ? ? A U 7 B A 2 1_555 ? ? ? ? ? ? WATSON-CRICK ? ? ? 
hydrog17 hydrog ? ? A U 7 O4 ? ? ? 1_555 B A 2 N6 ? ? A U 7 B A 2 1_555 ? ? ? ? ? ? WATSON-CRICK ? ? ? 
hydrog18 hydrog ? ? A C 8 N3 ? ? ? 1_555 B G 1 N1 ? ? A C 8 B G 1 1_555 ? ? ? ? ? ? WATSON-CRICK ? ? ? 
hydrog19 hydrog ? ? A C 8 N4 ? ? ? 1_555 B G 1 O6 ? ? A C 8 B G 1 1_555 ? ? ? ? ? ? WATSON-CRICK ? ? ? 
hydrog20 hydrog ? ? A C 8 O2 ? ? ? 1_555 B G 1 N2 ? ? A C 8 B G 1 1_555 ? ? ? ? ? ? WATSON-CRICK ? ? ? 
# 
_struct_conn_type.id          hydrog 
_struct_conn_type.criteria    ? 
_struct_conn_type.reference   ? 
# 
loop_
_pdbx_validate_rmsd_angle.id 
_pdbx_validate_rmsd_angle.PDB_model_num 
_pdbx_validate_rmsd_angle.auth_atom_id_1 
_pdbx_validate_rmsd_angle.auth_asym_id_1 
_pdbx_validate_rmsd_angle.auth_comp_id_1 
_pdbx_validate_rmsd_angle.auth_seq_id_1 
_pdbx_validate_rmsd_angle.PDB_ins_code_1 
_pdbx_validate_rmsd_angle.label_alt_id_1 
_pdbx_validate_rmsd_angle.auth_atom_id_2 
_pdbx_validate_rmsd_angle.auth_asym_id_2 
_pdbx_validate_rmsd_angle.auth_comp_id_2 
_pdbx_validate_rmsd_angle.auth_seq_id_2 
_pdbx_validate_rmsd_angle.PDB_ins_code_2 
_pdbx_validate_rmsd_angle.label_alt_id_2 
_pdbx_validate_rmsd_angle.auth_atom_id_3 
_pdbx_validate_rmsd_angle.auth_asym_id_3 
_pdbx_validate_rmsd_angle.auth_comp_id_3 
_pdbx_validate_rmsd_angle.auth_seq_id_3 
_pdbx_validate_rmsd_angle.PDB_ins_code_3 
_pdbx_validate_rmsd_angle.label_alt_id_3 
_pdbx_validate_rmsd_angle.angle_value 
_pdbx_validate_rmsd_angle.angle_target_value 
_pdbx_validate_rmsd_angle.angle_deviation 
_pdbx_validate_rmsd_angle.angle_standard_deviation 
_pdbx_validate_rmsd_angle.linker_flag 
1 1 "O4'" A U 4 ? ? "C1'" A U 4 ? ? N1 A U 4 ? ? 113.96 108.50 5.46 0.70 N 
2 1 "O4'" A G 5 ? ? "C1'" A G 5 ? ? N9 A G 5 ? ? 112.73 108.50 4.23 0.70 N 
3 1 "O4'" A C 6 ? ? "C1'" A C 6 ? ? N1 A C 6 ? ? 113.24 108.50 4.74 0.70 N 
4 1 "O4'" B U 4 ? ? "C1'" B U 4 ? ? N1 B U 4 ? ? 113.65 108.50 5.15 0.70 N 
5 1 "O4'" B C 6 ? ? "C1'" B C 6 ? ? N1 B C 6 ? ? 112.86 108.50 4.36 0.70 N 
# 
loop_
_pdbx_validate_planes.id 
_pdbx_validate_planes.PDB_model_num 
_pdbx_validate_planes.auth_comp_id 
_pdbx_validate_planes.auth_asym_id 
_pdbx_validate_planes.auth_seq_id 
_pdbx_validate_planes.PDB_ins_code 
_pdbx_validate_planes.label_alt_id 
_pdbx_validate_planes.rmsd 
_pdbx_validate_planes.type 
1 1 U A 7 ? ? 0.064 'SIDE CHAIN' 
2 1 U B 7 ? ? 0.067 'SIDE CHAIN' 
# 
_pdbx_nmr_ensemble.entry_id                             1EKA 
_pdbx_nmr_ensemble.conformers_calculated_total_number   ? 
_pdbx_nmr_ensemble.conformers_submitted_total_number    1 
_pdbx_nmr_ensemble.conformer_selection_criteria         ? 
# 
_pdbx_nmr_representative.entry_id             1EKA 
_pdbx_nmr_representative.conformer_id         ? 
_pdbx_nmr_representative.selection_criteria   'minimized average structure' 
# 
loop_
_pdbx_nmr_sample_details.solution_id 
_pdbx_nmr_sample_details.contents 
_pdbx_nmr_sample_details.solvent_system 
1 '3.5 mM RNA Oligomer' '10 mM phosphate, 80 mM NaCl, 100 D2O'           
2 '1.5 mM RNA Oligomer' '10 mM Phosphate, 80 mM NaCl, 10% D2O, 90 % H2O' 
# 
_pdbx_nmr_exptl_sample_conditions.conditions_id       1 
_pdbx_nmr_exptl_sample_conditions.temperature         32 
_pdbx_nmr_exptl_sample_conditions.pressure            ambient 
_pdbx_nmr_exptl_sample_conditions.pH                  7 
_pdbx_nmr_exptl_sample_conditions.ionic_strength      0.1M 
_pdbx_nmr_exptl_sample_conditions.pressure_units      ? 
_pdbx_nmr_exptl_sample_conditions.temperature_units   K 
# 
_pdbx_nmr_refine.entry_id           1EKA 
_pdbx_nmr_refine.method             'Simulated annealing, Molecular dynamics, Energy minimization' 
_pdbx_nmr_refine.details            ? 
_pdbx_nmr_refine.software_ordinal   1 
# 
loop_
_chem_comp_atom.comp_id 
_chem_comp_atom.atom_id 
_chem_comp_atom.type_symbol 
_chem_comp_atom.pdbx_aromatic_flag 
_chem_comp_atom.pdbx_stereo_config 
_chem_comp_atom.pdbx_ordinal 
A OP3    O N N 1   
A P      P N N 2   
A OP1    O N N 3   
A OP2    O N N 4   
A "O5'"  O N N 5   
A "C5'"  C N N 6   
A "C4'"  C N R 7   
A "O4'"  O N N 8   
A "C3'"  C N S 9   
A "O3'"  O N N 10  
A "C2'"  C N R 11  
A "O2'"  O N N 12  
A "C1'"  C N R 13  
A N9     N Y N 14  
A C8     C Y N 15  
A N7     N Y N 16  
A C5     C Y N 17  
A C6     C Y N 18  
A N6     N N N 19  
A N1     N Y N 20  
A C2     C Y N 21  
A N3     N Y N 22  
A C4     C Y N 23  
A HOP3   H N N 24  
A HOP2   H N N 25  
A "H5'"  H N N 26  
A "H5''" H N N 27  
A "H4'"  H N N 28  
A "H3'"  H N N 29  
A "HO3'" H N N 30  
A "H2'"  H N N 31  
A "HO2'" H N N 32  
A "H1'"  H N N 33  
A H8     H N N 34  
A H61    H N N 35  
A H62    H N N 36  
A H2     H N N 37  
C OP3    O N N 38  
C P      P N N 39  
C OP1    O N N 40  
C OP2    O N N 41  
C "O5'"  O N N 42  
C "C5'"  C N N 43  
C "C4'"  C N R 44  
C "O4'"  O N N 45  
C "C3'"  C N S 46  
C "O3'"  O N N 47  
C "C2'"  C N R 48  
C "O2'"  O N N 49  
C "C1'"  C N R 50  
C N1     N N N 51  
C C2     C N N 52  
C O2     O N N 53  
C N3     N N N 54  
C C4     C N N 55  
C N4     N N N 56  
C C5     C N N 57  
C C6     C N N 58  
C HOP3   H N N 59  
C HOP2   H N N 60  
C "H5'"  H N N 61  
C "H5''" H N N 62  
C "H4'"  H N N 63  
C "H3'"  H N N 64  
C "HO3'" H N N 65  
C "H2'"  H N N 66  
C "HO2'" H N N 67  
C "H1'"  H N N 68  
C H41    H N N 69  
C H42    H N N 70  
C H5     H N N 71  
C H6     H N N 72  
G OP3    O N N 73  
G P      P N N 74  
G OP1    O N N 75  
G OP2    O N N 76  
G "O5'"  O N N 77  
G "C5'"  C N N 78  
G "C4'"  C N R 79  
G "O4'"  O N N 80  
G "C3'"  C N S 81  
G "O3'"  O N N 82  
G "C2'"  C N R 83  
G "O2'"  O N N 84  
G "C1'"  C N R 85  
G N9     N Y N 86  
G C8     C Y N 87  
G N7     N Y N 88  
G C5     C Y N 89  
G C6     C N N 90  
G O6     O N N 91  
G N1     N N N 92  
G C2     C N N 93  
G N2     N N N 94  
G N3     N N N 95  
G C4     C Y N 96  
G HOP3   H N N 97  
G HOP2   H N N 98  
G "H5'"  H N N 99  
G "H5''" H N N 100 
G "H4'"  H N N 101 
G "H3'"  H N N 102 
G "HO3'" H N N 103 
G "H2'"  H N N 104 
G "HO2'" H N N 105 
G "H1'"  H N N 106 
G H8     H N N 107 
G H1     H N N 108 
G H21    H N N 109 
G H22    H N N 110 
U OP3    O N N 111 
U P      P N N 112 
U OP1    O N N 113 
U OP2    O N N 114 
U "O5'"  O N N 115 
U "C5'"  C N N 116 
U "C4'"  C N R 117 
U "O4'"  O N N 118 
U "C3'"  C N S 119 
U "O3'"  O N N 120 
U "C2'"  C N R 121 
U "O2'"  O N N 122 
U "C1'"  C N R 123 
U N1     N N N 124 
U C2     C N N 125 
U O2     O N N 126 
U N3     N N N 127 
U C4     C N N 128 
U O4     O N N 129 
U C5     C N N 130 
U C6     C N N 131 
U HOP3   H N N 132 
U HOP2   H N N 133 
U "H5'"  H N N 134 
U "H5''" H N N 135 
U "H4'"  H N N 136 
U "H3'"  H N N 137 
U "HO3'" H N N 138 
U "H2'"  H N N 139 
U "HO2'" H N N 140 
U "H1'"  H N N 141 
U H3     H N N 142 
U H5     H N N 143 
U H6     H N N 144 
# 
loop_
_chem_comp_bond.comp_id 
_chem_comp_bond.atom_id_1 
_chem_comp_bond.atom_id_2 
_chem_comp_bond.value_order 
_chem_comp_bond.pdbx_aromatic_flag 
_chem_comp_bond.pdbx_stereo_config 
_chem_comp_bond.pdbx_ordinal 
A OP3   P      sing N N 1   
A OP3   HOP3   sing N N 2   
A P     OP1    doub N N 3   
A P     OP2    sing N N 4   
A P     "O5'"  sing N N 5   
A OP2   HOP2   sing N N 6   
A "O5'" "C5'"  sing N N 7   
A "C5'" "C4'"  sing N N 8   
A "C5'" "H5'"  sing N N 9   
A "C5'" "H5''" sing N N 10  
A "C4'" "O4'"  sing N N 11  
A "C4'" "C3'"  sing N N 12  
A "C4'" "H4'"  sing N N 13  
A "O4'" "C1'"  sing N N 14  
A "C3'" "O3'"  sing N N 15  
A "C3'" "C2'"  sing N N 16  
A "C3'" "H3'"  sing N N 17  
A "O3'" "HO3'" sing N N 18  
A "C2'" "O2'"  sing N N 19  
A "C2'" "C1'"  sing N N 20  
A "C2'" "H2'"  sing N N 21  
A "O2'" "HO2'" sing N N 22  
A "C1'" N9     sing N N 23  
A "C1'" "H1'"  sing N N 24  
A N9    C8     sing Y N 25  
A N9    C4     sing Y N 26  
A C8    N7     doub Y N 27  
A C8    H8     sing N N 28  
A N7    C5     sing Y N 29  
A C5    C6     sing Y N 30  
A C5    C4     doub Y N 31  
A C6    N6     sing N N 32  
A C6    N1     doub Y N 33  
A N6    H61    sing N N 34  
A N6    H62    sing N N 35  
A N1    C2     sing Y N 36  
A C2    N3     doub Y N 37  
A C2    H2     sing N N 38  
A N3    C4     sing Y N 39  
C OP3   P      sing N N 40  
C OP3   HOP3   sing N N 41  
C P     OP1    doub N N 42  
C P     OP2    sing N N 43  
C P     "O5'"  sing N N 44  
C OP2   HOP2   sing N N 45  
C "O5'" "C5'"  sing N N 46  
C "C5'" "C4'"  sing N N 47  
C "C5'" "H5'"  sing N N 48  
C "C5'" "H5''" sing N N 49  
C "C4'" "O4'"  sing N N 50  
C "C4'" "C3'"  sing N N 51  
C "C4'" "H4'"  sing N N 52  
C "O4'" "C1'"  sing N N 53  
C "C3'" "O3'"  sing N N 54  
C "C3'" "C2'"  sing N N 55  
C "C3'" "H3'"  sing N N 56  
C "O3'" "HO3'" sing N N 57  
C "C2'" "O2'"  sing N N 58  
C "C2'" "C1'"  sing N N 59  
C "C2'" "H2'"  sing N N 60  
C "O2'" "HO2'" sing N N 61  
C "C1'" N1     sing N N 62  
C "C1'" "H1'"  sing N N 63  
C N1    C2     sing N N 64  
C N1    C6     sing N N 65  
C C2    O2     doub N N 66  
C C2    N3     sing N N 67  
C N3    C4     doub N N 68  
C C4    N4     sing N N 69  
C C4    C5     sing N N 70  
C N4    H41    sing N N 71  
C N4    H42    sing N N 72  
C C5    C6     doub N N 73  
C C5    H5     sing N N 74  
C C6    H6     sing N N 75  
G OP3   P      sing N N 76  
G OP3   HOP3   sing N N 77  
G P     OP1    doub N N 78  
G P     OP2    sing N N 79  
G P     "O5'"  sing N N 80  
G OP2   HOP2   sing N N 81  
G "O5'" "C5'"  sing N N 82  
G "C5'" "C4'"  sing N N 83  
G "C5'" "H5'"  sing N N 84  
G "C5'" "H5''" sing N N 85  
G "C4'" "O4'"  sing N N 86  
G "C4'" "C3'"  sing N N 87  
G "C4'" "H4'"  sing N N 88  
G "O4'" "C1'"  sing N N 89  
G "C3'" "O3'"  sing N N 90  
G "C3'" "C2'"  sing N N 91  
G "C3'" "H3'"  sing N N 92  
G "O3'" "HO3'" sing N N 93  
G "C2'" "O2'"  sing N N 94  
G "C2'" "C1'"  sing N N 95  
G "C2'" "H2'"  sing N N 96  
G "O2'" "HO2'" sing N N 97  
G "C1'" N9     sing N N 98  
G "C1'" "H1'"  sing N N 99  
G N9    C8     sing Y N 100 
G N9    C4     sing Y N 101 
G C8    N7     doub Y N 102 
G C8    H8     sing N N 103 
G N7    C5     sing Y N 104 
G C5    C6     sing N N 105 
G C5    C4     doub Y N 106 
G C6    O6     doub N N 107 
G C6    N1     sing N N 108 
G N1    C2     sing N N 109 
G N1    H1     sing N N 110 
G C2    N2     sing N N 111 
G C2    N3     doub N N 112 
G N2    H21    sing N N 113 
G N2    H22    sing N N 114 
G N3    C4     sing N N 115 
U OP3   P      sing N N 116 
U OP3   HOP3   sing N N 117 
U P     OP1    doub N N 118 
U P     OP2    sing N N 119 
U P     "O5'"  sing N N 120 
U OP2   HOP2   sing N N 121 
U "O5'" "C5'"  sing N N 122 
U "C5'" "C4'"  sing N N 123 
U "C5'" "H5'"  sing N N 124 
U "C5'" "H5''" sing N N 125 
U "C4'" "O4'"  sing N N 126 
U "C4'" "C3'"  sing N N 127 
U "C4'" "H4'"  sing N N 128 
U "O4'" "C1'"  sing N N 129 
U "C3'" "O3'"  sing N N 130 
U "C3'" "C2'"  sing N N 131 
U "C3'" "H3'"  sing N N 132 
U "O3'" "HO3'" sing N N 133 
U "C2'" "O2'"  sing N N 134 
U "C2'" "C1'"  sing N N 135 
U "C2'" "H2'"  sing N N 136 
U "O2'" "HO2'" sing N N 137 
U "C1'" N1     sing N N 138 
U "C1'" "H1'"  sing N N 139 
U N1    C2     sing N N 140 
U N1    C6     sing N N 141 
U C2    O2     doub N N 142 
U C2    N3     sing N N 143 
U N3    C4     sing N N 144 
U N3    H3     sing N N 145 
U C4    O4     doub N N 146 
U C4    C5     sing N N 147 
U C5    C6     doub N N 148 
U C5    H5     sing N N 149 
U C6    H6     sing N N 150 
# 
loop_
_ndb_struct_conf_na.entry_id 
_ndb_struct_conf_na.feature 
1EKA 'double helix'         
1EKA 'a-form double helix'  
1EKA 'mismatched base pair' 
# 
loop_
_ndb_struct_na_base_pair.model_number 
_ndb_struct_na_base_pair.i_label_asym_id 
_ndb_struct_na_base_pair.i_label_comp_id 
_ndb_struct_na_base_pair.i_label_seq_id 
_ndb_struct_na_base_pair.i_symmetry 
_ndb_struct_na_base_pair.j_label_asym_id 
_ndb_struct_na_base_pair.j_label_comp_id 
_ndb_struct_na_base_pair.j_label_seq_id 
_ndb_struct_na_base_pair.j_symmetry 
_ndb_struct_na_base_pair.shear 
_ndb_struct_na_base_pair.stretch 
_ndb_struct_na_base_pair.stagger 
_ndb_struct_na_base_pair.buckle 
_ndb_struct_na_base_pair.propeller 
_ndb_struct_na_base_pair.opening 
_ndb_struct_na_base_pair.pair_number 
_ndb_struct_na_base_pair.pair_name 
_ndb_struct_na_base_pair.i_auth_asym_id 
_ndb_struct_na_base_pair.i_auth_seq_id 
_ndb_struct_na_base_pair.i_PDB_ins_code 
_ndb_struct_na_base_pair.j_auth_asym_id 
_ndb_struct_na_base_pair.j_auth_seq_id 
_ndb_struct_na_base_pair.j_PDB_ins_code 
_ndb_struct_na_base_pair.hbond_type_28 
_ndb_struct_na_base_pair.hbond_type_12 
1 A G 1 1_555 B C 8 1_555 -0.542 -0.123 -0.225 -10.745 -11.610 -0.733 1 A_G1:C8_B A 1 ? B 8 ? 19 1 
1 A A 2 1_555 B U 7 1_555 0.172  0.029  -0.164 -7.188  -9.294  -0.135 2 A_A2:U7_B A 2 ? B 7 ? 20 1 
1 A G 3 1_555 B C 6 1_555 -0.328 -0.072 -0.059 -1.001  -9.454  -0.690 3 A_G3:C6_B A 3 ? B 6 ? 19 1 
1 A U 4 1_555 B G 5 1_555 2.175  -0.293 -0.198 3.017   -9.007  5.973  4 A_U4:G5_B A 4 ? B 5 ? 28 1 
1 A G 5 1_555 B U 4 1_555 -2.169 -0.311 -0.018 0.413   -7.854  4.166  5 A_G5:U4_B A 5 ? B 4 ? 28 1 
1 A C 6 1_555 B G 3 1_555 0.331  -0.064 -0.052 4.315   -10.624 -0.521 6 A_C6:G3_B A 6 ? B 3 ? 19 1 
1 A U 7 1_555 B A 2 1_555 -0.184 0.039  -0.228 11.085  -9.210  0.161  7 A_U7:A2_B A 7 ? B 2 ? 20 1 
1 A C 8 1_555 B G 1 1_555 0.545  -0.096 -0.432 18.450  -13.024 -0.675 8 A_C8:G1_B A 8 ? B 1 ? 19 1 
# 
loop_
_ndb_struct_na_base_pair_step.model_number 
_ndb_struct_na_base_pair_step.i_label_asym_id_1 
_ndb_struct_na_base_pair_step.i_label_comp_id_1 
_ndb_struct_na_base_pair_step.i_label_seq_id_1 
_ndb_struct_na_base_pair_step.i_symmetry_1 
_ndb_struct_na_base_pair_step.j_label_asym_id_1 
_ndb_struct_na_base_pair_step.j_label_comp_id_1 
_ndb_struct_na_base_pair_step.j_label_seq_id_1 
_ndb_struct_na_base_pair_step.j_symmetry_1 
_ndb_struct_na_base_pair_step.i_label_asym_id_2 
_ndb_struct_na_base_pair_step.i_label_comp_id_2 
_ndb_struct_na_base_pair_step.i_label_seq_id_2 
_ndb_struct_na_base_pair_step.i_symmetry_2 
_ndb_struct_na_base_pair_step.j_label_asym_id_2 
_ndb_struct_na_base_pair_step.j_label_comp_id_2 
_ndb_struct_na_base_pair_step.j_label_seq_id_2 
_ndb_struct_na_base_pair_step.j_symmetry_2 
_ndb_struct_na_base_pair_step.shift 
_ndb_struct_na_base_pair_step.slide 
_ndb_struct_na_base_pair_step.rise 
_ndb_struct_na_base_pair_step.tilt 
_ndb_struct_na_base_pair_step.roll 
_ndb_struct_na_base_pair_step.twist 
_ndb_struct_na_base_pair_step.x_displacement 
_ndb_struct_na_base_pair_step.y_displacement 
_ndb_struct_na_base_pair_step.helical_rise 
_ndb_struct_na_base_pair_step.inclination 
_ndb_struct_na_base_pair_step.tip 
_ndb_struct_na_base_pair_step.helical_twist 
_ndb_struct_na_base_pair_step.step_number 
_ndb_struct_na_base_pair_step.step_name 
_ndb_struct_na_base_pair_step.i_auth_asym_id_1 
_ndb_struct_na_base_pair_step.i_auth_seq_id_1 
_ndb_struct_na_base_pair_step.i_PDB_ins_code_1 
_ndb_struct_na_base_pair_step.j_auth_asym_id_1 
_ndb_struct_na_base_pair_step.j_auth_seq_id_1 
_ndb_struct_na_base_pair_step.j_PDB_ins_code_1 
_ndb_struct_na_base_pair_step.i_auth_asym_id_2 
_ndb_struct_na_base_pair_step.i_auth_seq_id_2 
_ndb_struct_na_base_pair_step.i_PDB_ins_code_2 
_ndb_struct_na_base_pair_step.j_auth_asym_id_2 
_ndb_struct_na_base_pair_step.j_auth_seq_id_2 
_ndb_struct_na_base_pair_step.j_PDB_ins_code_2 
1 A G 1 1_555 B C 8 1_555 A A 2 1_555 B U 7 1_555 0.263  -1.492 3.175 2.039  6.693  32.733 -3.619  -0.144 2.834 11.709 -3.568 
33.452 1 AA_G1A2:U7C8_BB A 1 ? B 8 ? A 2 ? B 7 ? 
1 A A 2 1_555 B U 7 1_555 A G 3 1_555 B C 6 1_555 0.193  -1.747 3.108 -0.155 5.602  29.097 -4.483  -0.408 2.730 11.021 0.305  
29.620 2 AA_A2G3:C6U7_BB A 2 ? B 7 ? A 3 ? B 6 ? 
1 A G 3 1_555 B C 6 1_555 A U 4 1_555 B G 5 1_555 0.598  -1.607 3.261 1.393  -0.022 38.593 -2.427  -0.733 3.280 -0.033 -2.107 
38.617 3 AA_G3U4:G5C6_BB A 3 ? B 6 ? A 4 ? B 5 ? 
1 A U 4 1_555 B G 5 1_555 A G 5 1_555 B U 4 1_555 -0.339 -2.313 3.561 -1.661 2.835  15.712 -10.407 -0.028 3.115 10.227 5.989  
16.049 4 AA_U4G5:U4G5_BB A 4 ? B 5 ? A 5 ? B 4 ? 
1 A G 5 1_555 B U 4 1_555 A C 6 1_555 B G 3 1_555 -0.518 -1.584 3.260 -0.673 -0.186 38.849 -2.359  0.697  3.275 -0.279 1.012  
38.855 5 AA_G5C6:G3U4_BB A 5 ? B 4 ? A 6 ? B 3 ? 
1 A C 6 1_555 B G 3 1_555 A U 7 1_555 B A 2 1_555 -0.272 -1.667 3.108 0.288  5.576  29.160 -4.313  0.586  2.746 10.949 -0.565 
29.678 6 AA_C6U7:A2G3_BB A 6 ? B 3 ? A 7 ? B 2 ? 
1 A U 7 1_555 B A 2 1_555 A C 8 1_555 B G 1 1_555 -0.182 -1.393 3.133 -0.908 6.354  32.610 -3.414  0.179  2.823 11.181 1.598  
33.218 7 AA_U7C8:G1A2_BB A 7 ? B 2 ? A 8 ? B 1 ? 
# 
loop_
_pdbx_nmr_spectrometer.spectrometer_id 
_pdbx_nmr_spectrometer.type 
_pdbx_nmr_spectrometer.manufacturer 
_pdbx_nmr_spectrometer.model 
_pdbx_nmr_spectrometer.field_strength 
1 ? Varian UNITYPLUS 500 
2 ? Varian INOVA     500 
# 
_atom_sites.entry_id                    1EKA 
_atom_sites.fract_transf_matrix[1][1]   1.000000 
_atom_sites.fract_transf_matrix[1][2]   0.000000 
_atom_sites.fract_transf_matrix[1][3]   0.000000 
_atom_sites.fract_transf_matrix[2][1]   0.000000 
_atom_sites.fract_transf_matrix[2][2]   1.000000 
_atom_sites.fract_transf_matrix[2][3]   0.000000 
_atom_sites.fract_transf_matrix[3][1]   0.000000 
_atom_sites.fract_transf_matrix[3][2]   0.000000 
_atom_sites.fract_transf_matrix[3][3]   1.000000 
_atom_sites.fract_transf_vector[1]      0.00000 
_atom_sites.fract_transf_vector[2]      0.00000 
_atom_sites.fract_transf_vector[3]      0.00000 
# 
loop_
_atom_type.symbol 
C 
H 
N 
O 
P 
# 
loop_
_atom_site.group_PDB 
_atom_site.id 
_atom_site.type_symbol 
_atom_site.label_atom_id 
_atom_site.label_alt_id 
_atom_site.label_comp_id 
_atom_site.label_asym_id 
_atom_site.label_entity_id 
_atom_site.label_seq_id 
_atom_site.pdbx_PDB_ins_code 
_atom_site.Cartn_x 
_atom_site.Cartn_y 
_atom_site.Cartn_z 
_atom_site.occupancy 
_atom_site.B_iso_or_equiv 
_atom_site.pdbx_formal_charge 
_atom_site.auth_seq_id 
_atom_site.auth_comp_id 
_atom_site.auth_asym_id 
_atom_site.auth_atom_id 
_atom_site.pdbx_PDB_model_num 
ATOM 1   O "O5'"  . G A 1 1 ? -9.580  -10.869 1.881   1.00 0.00 ? 1 G A "O5'"  1 
ATOM 2   C "C5'"  . G A 1 1 ? -10.262 -12.100 1.713   1.00 0.00 ? 1 G A "C5'"  1 
ATOM 3   C "C4'"  . G A 1 1 ? -9.970  -12.775 0.364   1.00 0.00 ? 1 G A "C4'"  1 
ATOM 4   O "O4'"  . G A 1 1 ? -10.744 -12.263 -0.712  1.00 0.00 ? 1 G A "O4'"  1 
ATOM 5   C "C3'"  . G A 1 1 ? -8.517  -12.654 -0.085  1.00 0.00 ? 1 G A "C3'"  1 
ATOM 6   O "O3'"  . G A 1 1 ? -7.680  -13.552 0.610   1.00 0.00 ? 1 G A "O3'"  1 
ATOM 7   C "C2'"  . G A 1 1 ? -8.630  -12.939 -1.571  1.00 0.00 ? 1 G A "C2'"  1 
ATOM 8   O "O2'"  . G A 1 1 ? -8.768  -14.323 -1.836  1.00 0.00 ? 1 G A "O2'"  1 
ATOM 9   C "C1'"  . G A 1 1 ? -9.932  -12.198 -1.884  1.00 0.00 ? 1 G A "C1'"  1 
ATOM 10  N N9     . G A 1 1 ? -9.670  -10.770 -2.202  1.00 0.00 ? 1 G A N9     1 
ATOM 11  C C8     . G A 1 1 ? -10.048 -9.659  -1.493  1.00 0.00 ? 1 G A C8     1 
ATOM 12  N N7     . G A 1 1 ? -9.766  -8.526  -2.073  1.00 0.00 ? 1 G A N7     1 
ATOM 13  C C5     . G A 1 1 ? -9.108  -8.906  -3.240  1.00 0.00 ? 1 G A C5     1 
ATOM 14  C C6     . G A 1 1 ? -8.544  -8.111  -4.291  1.00 0.00 ? 1 G A C6     1 
ATOM 15  O O6     . G A 1 1 ? -8.556  -6.889  -4.422  1.00 0.00 ? 1 G A O6     1 
ATOM 16  N N1     . G A 1 1 ? -7.912  -8.875  -5.263  1.00 0.00 ? 1 G A N1     1 
ATOM 17  C C2     . G A 1 1 ? -7.849  -10.249 -5.245  1.00 0.00 ? 1 G A C2     1 
ATOM 18  N N2     . G A 1 1 ? -7.173  -10.831 -6.226  1.00 0.00 ? 1 G A N2     1 
ATOM 19  N N3     . G A 1 1 ? -8.413  -11.011 -4.296  1.00 0.00 ? 1 G A N3     1 
ATOM 20  C C4     . G A 1 1 ? -9.020  -10.281 -3.314  1.00 0.00 ? 1 G A C4     1 
ATOM 21  H "H5'"  . G A 1 1 ? -11.336 -11.936 1.807   1.00 0.00 ? 1 G A "H5'"  1 
ATOM 22  H "H5''" . G A 1 1 ? -9.946  -12.772 2.512   1.00 0.00 ? 1 G A "H5''" 1 
ATOM 23  H "H4'"  . G A 1 1 ? -10.208 -13.836 0.456   1.00 0.00 ? 1 G A "H4'"  1 
ATOM 24  H "H3'"  . G A 1 1 ? -8.172  -11.625 0.016   1.00 0.00 ? 1 G A "H3'"  1 
ATOM 25  H "H2'"  . G A 1 1 ? -7.784  -12.518 -2.111  1.00 0.00 ? 1 G A "H2'"  1 
ATOM 26  H "HO2'" . G A 1 1 ? -8.100  -14.780 -1.315  1.00 0.00 ? 1 G A "HO2'" 1 
ATOM 27  H "H1'"  . G A 1 1 ? -10.431 -12.668 -2.731  1.00 0.00 ? 1 G A "H1'"  1 
ATOM 28  H H8     . G A 1 1 ? -10.550 -9.728  -0.542  1.00 0.00 ? 1 G A H8     1 
ATOM 29  H H1     . G A 1 1 ? -7.466  -8.370  -6.018  1.00 0.00 ? 1 G A H1     1 
ATOM 30  H H21    . G A 1 1 ? -6.707  -10.267 -6.931  1.00 0.00 ? 1 G A H21    1 
ATOM 31  H H22    . G A 1 1 ? -7.103  -11.835 -6.228  1.00 0.00 ? 1 G A H22    1 
ATOM 32  H "HO5'" . G A 1 1 ? -8.632  -11.058 2.001   1.00 0.00 ? 1 G A "HO5'" 1 
ATOM 33  P P      . A A 1 2 ? -6.452  -12.993 1.478   1.00 0.00 ? 2 A A P      1 
ATOM 34  O OP1    . A A 1 2 ? -5.920  -14.100 2.300   1.00 0.00 ? 2 A A OP1    1 
ATOM 35  O OP2    . A A 1 2 ? -6.894  -11.728 2.115   1.00 0.00 ? 2 A A OP2    1 
ATOM 36  O "O5'"  . A A 1 2 ? -5.419  -12.672 0.282   1.00 0.00 ? 2 A A "O5'"  1 
ATOM 37  C "C5'"  . A A 1 2 ? -4.821  -13.734 -0.438  1.00 0.00 ? 2 A A "C5'"  1 
ATOM 38  C "C4'"  . A A 1 2 ? -4.213  -13.280 -1.766  1.00 0.00 ? 2 A A "C4'"  1 
ATOM 39  O "O4'"  . A A 1 2 ? -5.170  -12.645 -2.608  1.00 0.00 ? 2 A A "O4'"  1 
ATOM 40  C "C3'"  . A A 1 2 ? -3.046  -12.305 -1.631  1.00 0.00 ? 2 A A "C3'"  1 
ATOM 41  O "O3'"  . A A 1 2 ? -1.834  -12.948 -1.271  1.00 0.00 ? 2 A A "O3'"  1 
ATOM 42  C "C2'"  . A A 1 2 ? -3.015  -11.752 -3.054  1.00 0.00 ? 2 A A "C2'"  1 
ATOM 43  O "O2'"  . A A 1 2 ? -2.402  -12.653 -3.960  1.00 0.00 ? 2 A A "O2'"  1 
ATOM 44  C "C1'"  . A A 1 2 ? -4.503  -11.659 -3.388  1.00 0.00 ? 2 A A "C1'"  1 
ATOM 45  N N9     . A A 1 2 ? -5.000  -10.296 -3.090  1.00 0.00 ? 2 A A N9     1 
ATOM 46  C C8     . A A 1 2 ? -5.668  -9.827  -1.985  1.00 0.00 ? 2 A A C8     1 
ATOM 47  N N7     . A A 1 2 ? -5.916  -8.545  -2.019  1.00 0.00 ? 2 A A N7     1 
ATOM 48  C C5     . A A 1 2 ? -5.353  -8.129  -3.227  1.00 0.00 ? 2 A A C5     1 
ATOM 49  C C6     . A A 1 2 ? -5.249  -6.880  -3.890  1.00 0.00 ? 2 A A C6     1 
ATOM 50  N N6     . A A 1 2 ? -5.739  -5.739  -3.412  1.00 0.00 ? 2 A A N6     1 
ATOM 51  N N1     . A A 1 2 ? -4.629  -6.818  -5.082  1.00 0.00 ? 2 A A N1     1 
ATOM 52  C C2     . A A 1 2 ? -4.133  -7.936  -5.603  1.00 0.00 ? 2 A A C2     1 
ATOM 53  N N3     . A A 1 2 ? -4.163  -9.165  -5.094  1.00 0.00 ? 2 A A N3     1 
ATOM 54  C C4     . A A 1 2 ? -4.796  -9.195  -3.887  1.00 0.00 ? 2 A A C4     1 
ATOM 55  H "H5'"  . A A 1 2 ? -5.576  -14.489 -0.659  1.00 0.00 ? 2 A A "H5'"  1 
ATOM 56  H "H5''" . A A 1 2 ? -4.045  -14.193 0.177   1.00 0.00 ? 2 A A "H5''" 1 
ATOM 57  H "H4'"  . A A 1 2 ? -3.845  -14.165 -2.287  1.00 0.00 ? 2 A A "H4'"  1 
ATOM 58  H "H3'"  . A A 1 2 ? -3.309  -11.518 -0.924  1.00 0.00 ? 2 A A "H3'"  1 
ATOM 59  H "H2'"  . A A 1 2 ? -2.522  -10.783 -3.097  1.00 0.00 ? 2 A A "H2'"  1 
ATOM 60  H "HO2'" . A A 1 2 ? -1.531  -12.857 -3.607  1.00 0.00 ? 2 A A "HO2'" 1 
ATOM 61  H "H1'"  . A A 1 2 ? -4.644  -11.857 -4.451  1.00 0.00 ? 2 A A "H1'"  1 
ATOM 62  H H8     . A A 1 2 ? -5.965  -10.463 -1.163  1.00 0.00 ? 2 A A H8     1 
ATOM 63  H H61    . A A 1 2 ? -5.632  -4.887  -3.951  1.00 0.00 ? 2 A A H61    1 
ATOM 64  H H62    . A A 1 2 ? -6.212  -5.741  -2.522  1.00 0.00 ? 2 A A H62    1 
ATOM 65  H H2     . A A 1 2 ? -3.644  -7.834  -6.561  1.00 0.00 ? 2 A A H2     1 
ATOM 66  P P      . G A 1 3 ? -0.595  -12.129 -0.636  1.00 0.00 ? 3 G A P      1 
ATOM 67  O OP1    . G A 1 3 ? 0.448   -13.109 -0.262  1.00 0.00 ? 3 G A OP1    1 
ATOM 68  O OP2    . G A 1 3 ? -1.130  -11.195 0.376   1.00 0.00 ? 3 G A OP2    1 
ATOM 69  O "O5'"  . G A 1 3 ? -0.056  -11.261 -1.884  1.00 0.00 ? 3 G A "O5'"  1 
ATOM 70  C "C5'"  . G A 1 3 ? 0.753   -11.837 -2.892  1.00 0.00 ? 3 G A "C5'"  1 
ATOM 71  C "C4'"  . G A 1 3 ? 0.967   -10.853 -4.046  1.00 0.00 ? 3 G A "C4'"  1 
ATOM 72  O "O4'"  . G A 1 3 ? -0.264  -10.323 -4.526  1.00 0.00 ? 3 G A "O4'"  1 
ATOM 73  C "C3'"  . G A 1 3 ? 1.846   -9.657  -3.678  1.00 0.00 ? 3 G A "C3'"  1 
ATOM 74  O "O3'"  . G A 1 3 ? 3.234   -9.943  -3.762  1.00 0.00 ? 3 G A "O3'"  1 
ATOM 75  C "C2'"  . G A 1 3 ? 1.421   -8.675  -4.765  1.00 0.00 ? 3 G A "C2'"  1 
ATOM 76  O "O2'"  . G A 1 3 ? 2.066   -8.959  -5.994  1.00 0.00 ? 3 G A "O2'"  1 
ATOM 77  C "C1'"  . G A 1 3 ? -0.069  -8.968  -4.912  1.00 0.00 ? 3 G A "C1'"  1 
ATOM 78  N N9     . G A 1 3 ? -0.862  -8.024  -4.088  1.00 0.00 ? 3 G A N9     1 
ATOM 79  C C8     . G A 1 3 ? -1.451  -8.204  -2.861  1.00 0.00 ? 3 G A C8     1 
ATOM 80  N N7     . G A 1 3 ? -2.086  -7.156  -2.415  1.00 0.00 ? 3 G A N7     1 
ATOM 81  C C5     . G A 1 3 ? -1.879  -6.190  -3.399  1.00 0.00 ? 3 G A C5     1 
ATOM 82  C C6     . G A 1 3 ? -2.305  -4.821  -3.480  1.00 0.00 ? 3 G A C6     1 
ATOM 83  O O6     . G A 1 3 ? -2.990  -4.175  -2.692  1.00 0.00 ? 3 G A O6     1 
ATOM 84  N N1     . G A 1 3 ? -1.832  -4.176  -4.617  1.00 0.00 ? 3 G A N1     1 
ATOM 85  C C2     . G A 1 3 ? -1.049  -4.775  -5.574  1.00 0.00 ? 3 G A C2     1 
ATOM 86  N N2     . G A 1 3 ? -0.614  -4.006  -6.563  1.00 0.00 ? 3 G A N2     1 
ATOM 87  N N3     . G A 1 3 ? -0.672  -6.058  -5.532  1.00 0.00 ? 3 G A N3     1 
ATOM 88  C C4     . G A 1 3 ? -1.114  -6.713  -4.418  1.00 0.00 ? 3 G A C4     1 
ATOM 89  H "H5'"  . G A 1 3 ? 0.267   -12.733 -3.280  1.00 0.00 ? 3 G A "H5'"  1 
ATOM 90  H "H5''" . G A 1 3 ? 1.718   -12.119 -2.470  1.00 0.00 ? 3 G A "H5''" 1 
ATOM 91  H "H4'"  . G A 1 3 ? 1.453   -11.383 -4.866  1.00 0.00 ? 3 G A "H4'"  1 
ATOM 92  H "H3'"  . G A 1 3 ? 1.566   -9.280  -2.692  1.00 0.00 ? 3 G A "H3'"  1 
ATOM 93  H "H2'"  . G A 1 3 ? 1.606   -7.648  -4.465  1.00 0.00 ? 3 G A "H2'"  1 
ATOM 94  H "HO2'" . G A 1 3 ? 2.973   -9.200  -5.781  1.00 0.00 ? 3 G A "HO2'" 1 
ATOM 95  H "H1'"  . G A 1 3 ? -0.355  -8.831  -5.956  1.00 0.00 ? 3 G A "H1'"  1 
ATOM 96  H H8     . G A 1 3 ? -1.403  -9.133  -2.311  1.00 0.00 ? 3 G A H8     1 
ATOM 97  H H1     . G A 1 3 ? -2.064  -3.197  -4.713  1.00 0.00 ? 3 G A H1     1 
ATOM 98  H H21    . G A 1 3 ? -0.840  -3.014  -6.589  1.00 0.00 ? 3 G A H21    1 
ATOM 99  H H22    . G A 1 3 ? -0.038  -4.431  -7.271  1.00 0.00 ? 3 G A H22    1 
ATOM 100 P P      . U A 1 4 ? 4.330   -9.090  -2.937  1.00 0.00 ? 4 U A P      1 
ATOM 101 O OP1    . U A 1 4 ? 5.669   -9.576  -3.337  1.00 0.00 ? 4 U A OP1    1 
ATOM 102 O OP2    . U A 1 4 ? 3.934   -9.104  -1.514  1.00 0.00 ? 4 U A OP2    1 
ATOM 103 O "O5'"  . U A 1 4 ? 4.152   -7.583  -3.485  1.00 0.00 ? 4 U A "O5'"  1 
ATOM 104 C "C5'"  . U A 1 4 ? 4.719   -7.149  -4.708  1.00 0.00 ? 4 U A "C5'"  1 
ATOM 105 C "C4'"  . U A 1 4 ? 4.260   -5.726  -5.048  1.00 0.00 ? 4 U A "C4'"  1 
ATOM 106 O "O4'"  . U A 1 4 ? 2.842   -5.615  -5.058  1.00 0.00 ? 4 U A "O4'"  1 
ATOM 107 C "C3'"  . U A 1 4 ? 4.764   -4.660  -4.080  1.00 0.00 ? 4 U A "C3'"  1 
ATOM 108 O "O3'"  . U A 1 4 ? 6.093   -4.257  -4.369  1.00 0.00 ? 4 U A "O3'"  1 
ATOM 109 C "C2'"  . U A 1 4 ? 3.738   -3.550  -4.287  1.00 0.00 ? 4 U A "C2'"  1 
ATOM 110 O "O2'"  . U A 1 4 ? 4.028   -2.736  -5.408  1.00 0.00 ? 4 U A "O2'"  1 
ATOM 111 C "C1'"  . U A 1 4 ? 2.456   -4.334  -4.573  1.00 0.00 ? 4 U A "C1'"  1 
ATOM 112 N N1     . U A 1 4 ? 1.607   -4.381  -3.346  1.00 0.00 ? 4 U A N1     1 
ATOM 113 C C2     . U A 1 4 ? 0.853   -3.240  -3.050  1.00 0.00 ? 4 U A C2     1 
ATOM 114 O O2     . U A 1 4 ? 0.816   -2.262  -3.795  1.00 0.00 ? 4 U A O2     1 
ATOM 115 N N3     . U A 1 4 ? 0.128   -3.248  -1.864  1.00 0.00 ? 4 U A N3     1 
ATOM 116 C C4     . U A 1 4 ? 0.077   -4.301  -0.964  1.00 0.00 ? 4 U A C4     1 
ATOM 117 O O4     . U A 1 4 ? -0.598  -4.210  0.054   1.00 0.00 ? 4 U A O4     1 
ATOM 118 C C5     . U A 1 4 ? 0.872   -5.451  -1.348  1.00 0.00 ? 4 U A C5     1 
ATOM 119 C C6     . U A 1 4 ? 1.602   -5.464  -2.492  1.00 0.00 ? 4 U A C6     1 
ATOM 120 H "H5'"  . U A 1 4 ? 4.412   -7.819  -5.510  1.00 0.00 ? 4 U A "H5'"  1 
ATOM 121 H "H5''" . U A 1 4 ? 5.807   -7.169  -4.632  1.00 0.00 ? 4 U A "H5''" 1 
ATOM 122 H "H4'"  . U A 1 4 ? 4.626   -5.470  -6.043  1.00 0.00 ? 4 U A "H4'"  1 
ATOM 123 H "H3'"  . U A 1 4 ? 4.684   -5.044  -3.061  1.00 0.00 ? 4 U A "H3'"  1 
ATOM 124 H "H2'"  . U A 1 4 ? 3.645   -2.939  -3.390  1.00 0.00 ? 4 U A "H2'"  1 
ATOM 125 H "HO2'" . U A 1 4 ? 4.817   -2.222  -5.203  1.00 0.00 ? 4 U A "HO2'" 1 
ATOM 126 H "H1'"  . U A 1 4 ? 1.899   -3.818  -5.356  1.00 0.00 ? 4 U A "H1'"  1 
ATOM 127 H H3     . U A 1 4 ? -0.422  -2.433  -1.624  1.00 0.00 ? 4 U A H3     1 
ATOM 128 H H5     . U A 1 4 ? 0.881   -6.313  -0.695  1.00 0.00 ? 4 U A H5     1 
ATOM 129 H H6     . U A 1 4 ? 2.187   -6.339  -2.728  1.00 0.00 ? 4 U A H6     1 
ATOM 130 P P      . G A 1 5 ? 6.980   -3.409  -3.319  1.00 0.00 ? 5 G A P      1 
ATOM 131 O OP1    . G A 1 5 ? 8.405   -3.596  -3.664  1.00 0.00 ? 5 G A OP1    1 
ATOM 132 O OP2    . G A 1 5 ? 6.501   -3.696  -1.950  1.00 0.00 ? 5 G A OP2    1 
ATOM 133 O "O5'"  . G A 1 5 ? 6.558   -1.895  -3.687  1.00 0.00 ? 5 G A "O5'"  1 
ATOM 134 C "C5'"  . G A 1 5 ? 7.032   -1.263  -4.860  1.00 0.00 ? 5 G A "C5'"  1 
ATOM 135 C "C4'"  . G A 1 5 ? 6.394   0.118   -5.048  1.00 0.00 ? 5 G A "C4'"  1 
ATOM 136 O "O4'"  . G A 1 5 ? 4.967   0.058   -4.999  1.00 0.00 ? 5 G A "O4'"  1 
ATOM 137 C "C3'"  . G A 1 5 ? 6.821   1.152   -4.005  1.00 0.00 ? 5 G A "C3'"  1 
ATOM 138 O "O3'"  . G A 1 5 ? 8.044   1.794   -4.336  1.00 0.00 ? 5 G A "O3'"  1 
ATOM 139 C "C2'"  . G A 1 5 ? 5.647   2.126   -4.091  1.00 0.00 ? 5 G A "C2'"  1 
ATOM 140 O "O2'"  . G A 1 5 ? 5.749   2.961   -5.229  1.00 0.00 ? 5 G A "O2'"  1 
ATOM 141 C "C1'"  . G A 1 5 ? 4.463   1.189   -4.289  1.00 0.00 ? 5 G A "C1'"  1 
ATOM 142 N N9     . G A 1 5 ? 3.858   0.824   -2.985  1.00 0.00 ? 5 G A N9     1 
ATOM 143 C C8     . G A 1 5 ? 3.926   -0.348  -2.275  1.00 0.00 ? 5 G A C8     1 
ATOM 144 N N7     . G A 1 5 ? 3.196   -0.363  -1.193  1.00 0.00 ? 5 G A N7     1 
ATOM 145 C C5     . G A 1 5 ? 2.624   0.907   -1.157  1.00 0.00 ? 5 G A C5     1 
ATOM 146 C C6     . G A 1 5 ? 1.733   1.510   -0.206  1.00 0.00 ? 5 G A C6     1 
ATOM 147 O O6     . G A 1 5 ? 1.237   1.034   0.811   1.00 0.00 ? 5 G A O6     1 
ATOM 148 N N1     . G A 1 5 ? 1.424   2.824   -0.524  1.00 0.00 ? 5 G A N1     1 
ATOM 149 C C2     . G A 1 5 ? 1.907   3.492   -1.619  1.00 0.00 ? 5 G A C2     1 
ATOM 150 N N2     . G A 1 5 ? 1.549   4.765   -1.741  1.00 0.00 ? 5 G A N2     1 
ATOM 151 N N3     . G A 1 5 ? 2.725   2.944   -2.527  1.00 0.00 ? 5 G A N3     1 
ATOM 152 C C4     . G A 1 5 ? 3.048   1.648   -2.239  1.00 0.00 ? 5 G A C4     1 
ATOM 153 H "H5'"  . G A 1 5 ? 6.789   -1.882  -5.725  1.00 0.00 ? 5 G A "H5'"  1 
ATOM 154 H "H5''" . G A 1 5 ? 8.116   -1.153  -4.802  1.00 0.00 ? 5 G A "H5''" 1 
ATOM 155 H "H4'"  . G A 1 5 ? 6.700   0.487   -6.029  1.00 0.00 ? 5 G A "H4'"  1 
ATOM 156 H "H3'"  . G A 1 5 ? 6.860   0.689   -3.017  1.00 0.00 ? 5 G A "H3'"  1 
ATOM 157 H "H2'"  . G A 1 5 ? 5.552   2.723   -3.185  1.00 0.00 ? 5 G A "H2'"  1 
ATOM 158 H "HO2'" . G A 1 5 ? 6.677   3.206   -5.311  1.00 0.00 ? 5 G A "HO2'" 1 
ATOM 159 H "H1'"  . G A 1 5 ? 3.694   1.703   -4.869  1.00 0.00 ? 5 G A "H1'"  1 
ATOM 160 H H8     . G A 1 5 ? 4.521   -1.191  -2.586  1.00 0.00 ? 5 G A H8     1 
ATOM 161 H H1     . G A 1 5 ? 0.831   3.323   0.120   1.00 0.00 ? 5 G A H1     1 
ATOM 162 H H21    . G A 1 5 ? 0.972   5.198   -1.033  1.00 0.00 ? 5 G A H21    1 
ATOM 163 H H22    . G A 1 5 ? 1.892   5.279   -2.535  1.00 0.00 ? 5 G A H22    1 
ATOM 164 P P      . C A 1 6 ? 8.941   2.542   -3.219  1.00 0.00 ? 6 C A P      1 
ATOM 165 O OP1    . C A 1 6 ? 10.110  3.134   -3.906  1.00 0.00 ? 6 C A OP1    1 
ATOM 166 O OP2    . C A 1 6 ? 9.143   1.603   -2.095  1.00 0.00 ? 6 C A OP2    1 
ATOM 167 O "O5'"  . C A 1 6 ? 7.998   3.740   -2.693  1.00 0.00 ? 6 C A "O5'"  1 
ATOM 168 C "C5'"  . C A 1 6 ? 7.820   4.938   -3.427  1.00 0.00 ? 6 C A "C5'"  1 
ATOM 169 C "C4'"  . C A 1 6 ? 6.795   5.850   -2.741  1.00 0.00 ? 6 C A "C4'"  1 
ATOM 170 O "O4'"  . C A 1 6 ? 5.556   5.195   -2.486  1.00 0.00 ? 6 C A "O4'"  1 
ATOM 171 C "C3'"  . C A 1 6 ? 7.282   6.391   -1.398  1.00 0.00 ? 6 C A "C3'"  1 
ATOM 172 O "O3'"  . C A 1 6 ? 8.143   7.509   -1.559  1.00 0.00 ? 6 C A "O3'"  1 
ATOM 173 C "C2'"  . C A 1 6 ? 5.948   6.768   -0.756  1.00 0.00 ? 6 C A "C2'"  1 
ATOM 174 O "O2'"  . C A 1 6 ? 5.475   8.011   -1.242  1.00 0.00 ? 6 C A "O2'"  1 
ATOM 175 C "C1'"  . C A 1 6 ? 5.011   5.670   -1.257  1.00 0.00 ? 6 C A "C1'"  1 
ATOM 176 N N1     . C A 1 6 ? 4.835   4.595   -0.235  1.00 0.00 ? 6 C A N1     1 
ATOM 177 C C2     . C A 1 6 ? 3.935   4.826   0.816   1.00 0.00 ? 6 C A C2     1 
ATOM 178 O O2     . C A 1 6 ? 3.344   5.899   0.932   1.00 0.00 ? 6 C A O2     1 
ATOM 179 N N3     . C A 1 6 ? 3.703   3.843   1.727   1.00 0.00 ? 6 C A N3     1 
ATOM 180 C C4     . C A 1 6 ? 4.334   2.670   1.633   1.00 0.00 ? 6 C A C4     1 
ATOM 181 N N4     . C A 1 6 ? 4.042   1.737   2.528   1.00 0.00 ? 6 C A N4     1 
ATOM 182 C C5     . C A 1 6 ? 5.282   2.407   0.591   1.00 0.00 ? 6 C A C5     1 
ATOM 183 C C6     . C A 1 6 ? 5.503   3.393   -0.314  1.00 0.00 ? 6 C A C6     1 
ATOM 184 H "H5'"  . C A 1 6 ? 7.471   4.708   -4.431  1.00 0.00 ? 6 C A "H5'"  1 
ATOM 185 H "H5''" . C A 1 6 ? 8.773   5.463   -3.502  1.00 0.00 ? 6 C A "H5''" 1 
ATOM 186 H "H4'"  . C A 1 6 ? 6.600   6.702   -3.392  1.00 0.00 ? 6 C A "H4'"  1 
ATOM 187 H "H3'"  . C A 1 6 ? 7.758   5.590   -0.831  1.00 0.00 ? 6 C A "H3'"  1 
ATOM 188 H "H2'"  . C A 1 6 ? 6.018   6.789   0.329   1.00 0.00 ? 6 C A "H2'"  1 
ATOM 189 H "HO2'" . C A 1 6 ? 6.224   8.616   -1.233  1.00 0.00 ? 6 C A "HO2'" 1 
ATOM 190 H "H1'"  . C A 1 6 ? 4.035   6.117   -1.455  1.00 0.00 ? 6 C A "H1'"  1 
ATOM 191 H H41    . C A 1 6 ? 3.350   1.948   3.240   1.00 0.00 ? 6 C A H41    1 
ATOM 192 H H42    . C A 1 6 ? 4.468   0.828   2.471   1.00 0.00 ? 6 C A H42    1 
ATOM 193 H H5     . C A 1 6 ? 5.806   1.469   0.496   1.00 0.00 ? 6 C A H5     1 
ATOM 194 H H6     . C A 1 6 ? 6.206   3.216   -1.113  1.00 0.00 ? 6 C A H6     1 
ATOM 195 P P      . U A 1 7 ? 9.149   7.986   -0.392  1.00 0.00 ? 7 U A P      1 
ATOM 196 O OP1    . U A 1 7 ? 9.984   9.081   -0.931  1.00 0.00 ? 7 U A OP1    1 
ATOM 197 O OP2    . U A 1 7 ? 9.786   6.786   0.192   1.00 0.00 ? 7 U A OP2    1 
ATOM 198 O "O5'"  . U A 1 7 ? 8.157   8.602   0.717   1.00 0.00 ? 7 U A "O5'"  1 
ATOM 199 C "C5'"  . U A 1 7 ? 7.596   9.894   0.593   1.00 0.00 ? 7 U A "C5'"  1 
ATOM 200 C "C4'"  . U A 1 7 ? 6.647   10.178  1.763   1.00 0.00 ? 7 U A "C4'"  1 
ATOM 201 O "O4'"  . U A 1 7 ? 5.609   9.211   1.877   1.00 0.00 ? 7 U A "O4'"  1 
ATOM 202 C "C3'"  . U A 1 7 ? 7.356   10.220  3.116   1.00 0.00 ? 7 U A "C3'"  1 
ATOM 203 O "O3'"  . U A 1 7 ? 7.989   11.470  3.347   1.00 0.00 ? 7 U A "O3'"  1 
ATOM 204 C "C2'"  . U A 1 7 ? 6.172   9.986   4.051   1.00 0.00 ? 7 U A "C2'"  1 
ATOM 205 O "O2'"  . U A 1 7 ? 5.444   11.184  4.254   1.00 0.00 ? 7 U A "O2'"  1 
ATOM 206 C "C1'"  . U A 1 7 ? 5.301   9.013   3.255   1.00 0.00 ? 7 U A "C1'"  1 
ATOM 207 N N1     . U A 1 7 ? 5.509   7.600   3.684   1.00 0.00 ? 7 U A N1     1 
ATOM 208 C C2     . U A 1 7 ? 4.756   7.125   4.765   1.00 0.00 ? 7 U A C2     1 
ATOM 209 O O2     . U A 1 7 ? 4.038   7.844   5.455   1.00 0.00 ? 7 U A O2     1 
ATOM 210 N N3     . U A 1 7 ? 4.857   5.770   5.043   1.00 0.00 ? 7 U A N3     1 
ATOM 211 C C4     . U A 1 7 ? 5.666   4.862   4.384   1.00 0.00 ? 7 U A C4     1 
ATOM 212 O O4     . U A 1 7 ? 5.657   3.680   4.712   1.00 0.00 ? 7 U A O4     1 
ATOM 213 C C5     . U A 1 7 ? 6.488   5.449   3.344   1.00 0.00 ? 7 U A C5     1 
ATOM 214 C C6     . U A 1 7 ? 6.398   6.769   3.036   1.00 0.00 ? 7 U A C6     1 
ATOM 215 H "H5'"  . U A 1 7 ? 7.045   9.973   -0.343  1.00 0.00 ? 7 U A "H5'"  1 
ATOM 216 H "H5''" . U A 1 7 ? 8.394   10.639  0.594   1.00 0.00 ? 7 U A "H5''" 1 
ATOM 217 H "H4'"  . U A 1 7 ? 6.180   11.147  1.600   1.00 0.00 ? 7 U A "H4'"  1 
ATOM 218 H "H3'"  . U A 1 7 ? 8.062   9.390   3.187   1.00 0.00 ? 7 U A "H3'"  1 
ATOM 219 H "H2'"  . U A 1 7 ? 6.487   9.571   5.005   1.00 0.00 ? 7 U A "H2'"  1 
ATOM 220 H "HO2'" . U A 1 7 ? 6.091   11.891  4.345   1.00 0.00 ? 7 U A "HO2'" 1 
ATOM 221 H "H1'"  . U A 1 7 ? 4.253   9.272   3.422   1.00 0.00 ? 7 U A "H1'"  1 
ATOM 222 H H3     . U A 1 7 ? 4.313   5.414   5.817   1.00 0.00 ? 7 U A H3     1 
ATOM 223 H H5     . U A 1 7 ? 7.177   4.816   2.805   1.00 0.00 ? 7 U A H5     1 
ATOM 224 H H6     . U A 1 7 ? 7.023   7.174   2.255   1.00 0.00 ? 7 U A H6     1 
ATOM 225 P P      . C A 1 8 ? 9.197   11.629  4.403   1.00 0.00 ? 8 C A P      1 
ATOM 226 O OP1    . C A 1 8 ? 9.641   13.039  4.391   1.00 0.00 ? 8 C A OP1    1 
ATOM 227 O OP2    . C A 1 8 ? 10.172  10.545  4.163   1.00 0.00 ? 8 C A OP2    1 
ATOM 228 O "O5'"  . C A 1 8 ? 8.489   11.339  5.817   1.00 0.00 ? 8 C A "O5'"  1 
ATOM 229 C "C5'"  . C A 1 8 ? 7.761   12.331  6.516   1.00 0.00 ? 8 C A "C5'"  1 
ATOM 230 C "C4'"  . C A 1 8 ? 7.194   11.732  7.807   1.00 0.00 ? 8 C A "C4'"  1 
ATOM 231 O "O4'"  . C A 1 8 ? 6.281   10.685  7.528   1.00 0.00 ? 8 C A "O4'"  1 
ATOM 232 C "C3'"  . C A 1 8 ? 8.257   11.098  8.704   1.00 0.00 ? 8 C A "C3'"  1 
ATOM 233 O "O3'"  . C A 1 8 ? 9.023   12.030  9.447   1.00 0.00 ? 8 C A "O3'"  1 
ATOM 234 C "C2'"  . C A 1 8 ? 7.403   10.198  9.582   1.00 0.00 ? 8 C A "C2'"  1 
ATOM 235 O "O2'"  . C A 1 8 ? 6.804   10.925  10.640  1.00 0.00 ? 8 C A "O2'"  1 
ATOM 236 C "C1'"  . C A 1 8 ? 6.327   9.742   8.593   1.00 0.00 ? 8 C A "C1'"  1 
ATOM 237 N N1     . C A 1 8 ? 6.618   8.367   8.095   1.00 0.00 ? 8 C A N1     1 
ATOM 238 C C2     . C A 1 8 ? 6.080   7.281   8.798   1.00 0.00 ? 8 C A C2     1 
ATOM 239 O O2     . C A 1 8 ? 5.316   7.444   9.748   1.00 0.00 ? 8 C A O2     1 
ATOM 240 N N3     . C A 1 8 ? 6.431   6.018   8.438   1.00 0.00 ? 8 C A N3     1 
ATOM 241 C C4     . C A 1 8 ? 7.278   5.808   7.430   1.00 0.00 ? 8 C A C4     1 
ATOM 242 N N4     . C A 1 8 ? 7.583   4.552   7.136   1.00 0.00 ? 8 C A N4     1 
ATOM 243 C C5     . C A 1 8 ? 7.865   6.893   6.702   1.00 0.00 ? 8 C A C5     1 
ATOM 244 C C6     . C A 1 8 ? 7.514   8.149   7.072   1.00 0.00 ? 8 C A C6     1 
ATOM 245 H "H5'"  . C A 1 8 ? 6.944   12.702  5.899   1.00 0.00 ? 8 C A "H5'"  1 
ATOM 246 H "H5''" . C A 1 8 ? 8.423   13.161  6.764   1.00 0.00 ? 8 C A "H5''" 1 
ATOM 247 H "H4'"  . C A 1 8 ? 6.674   12.510  8.368   1.00 0.00 ? 8 C A "H4'"  1 
ATOM 248 H "H3'"  . C A 1 8 ? 8.904   10.456  8.111   1.00 0.00 ? 8 C A "H3'"  1 
ATOM 249 H "HO3'" . C A 1 8 ? 9.607   12.493  8.840   1.00 0.00 ? 8 C A "HO3'" 1 
ATOM 250 H "H2'"  . C A 1 8 ? 7.984   9.359   9.968   1.00 0.00 ? 8 C A "H2'"  1 
ATOM 251 H "HO2'" . C A 1 8 ? 7.473   11.528  10.978  1.00 0.00 ? 8 C A "HO2'" 1 
ATOM 252 H "H1'"  . C A 1 8 ? 5.370   9.749   9.107   1.00 0.00 ? 8 C A "H1'"  1 
ATOM 253 H H41    . C A 1 8 ? 7.154   3.818   7.691   1.00 0.00 ? 8 C A H41    1 
ATOM 254 H H42    . C A 1 8 ? 8.189   4.336   6.363   1.00 0.00 ? 8 C A H42    1 
ATOM 255 H H5     . C A 1 8 ? 8.571   6.755   5.899   1.00 0.00 ? 8 C A H5     1 
ATOM 256 H H6     . C A 1 8 ? 7.956   8.988   6.556   1.00 0.00 ? 8 C A H6     1 
ATOM 257 O "O5'"  . G B 1 1 ? 3.455   -2.355  13.591  1.00 0.00 ? 1 G B "O5'"  1 
ATOM 258 C "C5'"  . G B 1 1 ? 3.712   -2.222  14.977  1.00 0.00 ? 1 G B "C5'"  1 
ATOM 259 C "C4'"  . G B 1 1 ? 3.852   -0.757  15.426  1.00 0.00 ? 1 G B "C4'"  1 
ATOM 260 O "O4'"  . G B 1 1 ? 5.147   -0.218  15.197  1.00 0.00 ? 1 G B "O4'"  1 
ATOM 261 C "C3'"  . G B 1 1 ? 2.877   0.204   14.753  1.00 0.00 ? 1 G B "C3'"  1 
ATOM 262 O "O3'"  . G B 1 1 ? 1.585   0.123   15.318  1.00 0.00 ? 1 G B "O3'"  1 
ATOM 263 C "C2'"  . G B 1 1 ? 3.562   1.541   14.981  1.00 0.00 ? 1 G B "C2'"  1 
ATOM 264 O "O2'"  . G B 1 1 ? 3.396   1.997   16.311  1.00 0.00 ? 1 G B "O2'"  1 
ATOM 265 C "C1'"  . G B 1 1 ? 5.018   1.127   14.736  1.00 0.00 ? 1 G B "C1'"  1 
ATOM 266 N N9     . G B 1 1 ? 5.384   1.166   13.296  1.00 0.00 ? 1 G B N9     1 
ATOM 267 C C8     . G B 1 1 ? 5.822   0.133   12.500  1.00 0.00 ? 1 G B C8     1 
ATOM 268 N N7     . G B 1 1 ? 6.178   0.491   11.300  1.00 0.00 ? 1 G B N7     1 
ATOM 269 C C5     . G B 1 1 ? 5.939   1.862   11.276  1.00 0.00 ? 1 G B C5     1 
ATOM 270 C C6     . G B 1 1 ? 6.138   2.821   10.228  1.00 0.00 ? 1 G B C6     1 
ATOM 271 O O6     . G B 1 1 ? 6.601   2.646   9.104   1.00 0.00 ? 1 G B O6     1 
ATOM 272 N N1     . G B 1 1 ? 5.742   4.103   10.591  1.00 0.00 ? 1 G B N1     1 
ATOM 273 C C2     . G B 1 1 ? 5.229   4.432   11.823  1.00 0.00 ? 1 G B C2     1 
ATOM 274 N N2     . G B 1 1 ? 4.864   5.694   12.001  1.00 0.00 ? 1 G B N2     1 
ATOM 275 N N3     . G B 1 1 ? 5.072   3.556   12.826  1.00 0.00 ? 1 G B N3     1 
ATOM 276 C C4     . G B 1 1 ? 5.436   2.282   12.489  1.00 0.00 ? 1 G B C4     1 
ATOM 277 H "H5'"  . G B 1 1 ? 4.623   -2.763  15.232  1.00 0.00 ? 1 G B "H5'"  1 
ATOM 278 H "H5''" . G B 1 1 ? 2.880   -2.671  15.519  1.00 0.00 ? 1 G B "H5''" 1 
ATOM 279 H "H4'"  . G B 1 1 ? 3.676   -0.718  16.502  1.00 0.00 ? 1 G B "H4'"  1 
ATOM 280 H "H3'"  . G B 1 1 ? 2.852   0.037   13.675  1.00 0.00 ? 1 G B "H3'"  1 
ATOM 281 H "H2'"  . G B 1 1 ? 3.212   2.291   14.271  1.00 0.00 ? 1 G B "H2'"  1 
ATOM 282 H "HO2'" . G B 1 1 ? 2.464   1.891   16.532  1.00 0.00 ? 1 G B "HO2'" 1 
ATOM 283 H "H1'"  . G B 1 1 ? 5.685   1.790   15.290  1.00 0.00 ? 1 G B "H1'"  1 
ATOM 284 H H8     . G B 1 1 ? 5.883   -0.889  12.846  1.00 0.00 ? 1 G B H8     1 
ATOM 285 H H1     . G B 1 1 ? 5.836   4.821   9.885   1.00 0.00 ? 1 G B H1     1 
ATOM 286 H H21    . G B 1 1 ? 4.944   6.363   11.239  1.00 0.00 ? 1 G B H21    1 
ATOM 287 H H22    . G B 1 1 ? 4.478   5.959   12.892  1.00 0.00 ? 1 G B H22    1 
ATOM 288 H "HO5'" . G B 1 1 ? 2.539   -2.065  13.424  1.00 0.00 ? 1 G B "HO5'" 1 
ATOM 289 P P      . A B 1 2 ? 0.344   -0.365  14.422  1.00 0.00 ? 2 A B P      1 
ATOM 290 O OP1    . A B 1 2 ? -0.794  -0.649  15.322  1.00 0.00 ? 2 A B OP1    1 
ATOM 291 O OP2    . A B 1 2 ? 0.841   -1.402  13.486  1.00 0.00 ? 2 A B OP2    1 
ATOM 292 O "O5'"  . A B 1 2 ? 0.056   1.000   13.615  1.00 0.00 ? 2 A B "O5'"  1 
ATOM 293 C "C5'"  . A B 1 2 ? -0.455  2.132   14.297  1.00 0.00 ? 2 A B "C5'"  1 
ATOM 294 C "C4'"  . A B 1 2 ? -0.244  3.426   13.510  1.00 0.00 ? 2 A B "C4'"  1 
ATOM 295 O "O4'"  . A B 1 2 ? 1.128   3.640   13.205  1.00 0.00 ? 2 A B "O4'"  1 
ATOM 296 C "C3'"  . A B 1 2 ? -0.987  3.498   12.179  1.00 0.00 ? 2 A B "C3'"  1 
ATOM 297 O "O3'"  . A B 1 2 ? -2.370  3.776   12.331  1.00 0.00 ? 2 A B "O3'"  1 
ATOM 298 C "C2'"  . A B 1 2 ? -0.223  4.654   11.536  1.00 0.00 ? 2 A B "C2'"  1 
ATOM 299 O "O2'"  . A B 1 2 ? -0.621  5.907   12.063  1.00 0.00 ? 2 A B "O2'"  1 
ATOM 300 C "C1'"  . A B 1 2 ? 1.210   4.369   11.985  1.00 0.00 ? 2 A B "C1'"  1 
ATOM 301 N N9     . A B 1 2 ? 1.919   3.595   10.943  1.00 0.00 ? 2 A B N9     1 
ATOM 302 C C8     . A B 1 2 ? 2.179   2.247   10.874  1.00 0.00 ? 2 A B C8     1 
ATOM 303 N N7     . A B 1 2 ? 2.813   1.882   9.792   1.00 0.00 ? 2 A B N7     1 
ATOM 304 C C5     . A B 1 2 ? 2.976   3.075   9.084   1.00 0.00 ? 2 A B C5     1 
ATOM 305 C C6     . A B 1 2 ? 3.575   3.414   7.846   1.00 0.00 ? 2 A B C6     1 
ATOM 306 N N6     . A B 1 2 ? 4.165   2.539   7.035   1.00 0.00 ? 2 A B N6     1 
ATOM 307 N N1     . A B 1 2 ? 3.576   4.699   7.446   1.00 0.00 ? 2 A B N1     1 
ATOM 308 C C2     . A B 1 2 ? 3.011   5.613   8.230   1.00 0.00 ? 2 A B C2     1 
ATOM 309 N N3     . A B 1 2 ? 2.420   5.433   9.408   1.00 0.00 ? 2 A B N3     1 
ATOM 310 C C4     . A B 1 2 ? 2.435   4.124   9.784   1.00 0.00 ? 2 A B C4     1 
ATOM 311 H "H5'"  . A B 1 2 ? 0.057   2.239   15.253  1.00 0.00 ? 2 A B "H5'"  1 
ATOM 312 H "H5''" . A B 1 2 ? -1.519  1.989   14.487  1.00 0.00 ? 2 A B "H5''" 1 
ATOM 313 H "H4'"  . A B 1 2 ? -0.588  4.256   14.129  1.00 0.00 ? 2 A B "H4'"  1 
ATOM 314 H "H3'"  . A B 1 2 ? -0.822  2.575   11.620  1.00 0.00 ? 2 A B "H3'"  1 
ATOM 315 H "H2'"  . A B 1 2 ? -0.324  4.648   10.451  1.00 0.00 ? 2 A B "H2'"  1 
ATOM 316 H "HO2'" . A B 1 2 ? -1.577  5.956   11.975  1.00 0.00 ? 2 A B "HO2'" 1 
ATOM 317 H "H1'"  . A B 1 2 ? 1.732   5.314   12.137  1.00 0.00 ? 2 A B "H1'"  1 
ATOM 318 H H8     . A B 1 2 ? 1.884   1.551   11.649  1.00 0.00 ? 2 A B H8     1 
ATOM 319 H H61    . A B 1 2 ? 4.583   2.866   6.172   1.00 0.00 ? 2 A B H61    1 
ATOM 320 H H62    . A B 1 2 ? 4.192   1.566   7.297   1.00 0.00 ? 2 A B H62    1 
ATOM 321 H H2     . A B 1 2 ? 3.037   6.629   7.864   1.00 0.00 ? 2 A B H2     1 
ATOM 322 P P      . G B 1 3 ? -3.433  3.464   11.156  1.00 0.00 ? 3 G B P      1 
ATOM 323 O OP1    . G B 1 3 ? -4.783  3.770   11.678  1.00 0.00 ? 3 G B OP1    1 
ATOM 324 O OP2    . G B 1 3 ? -3.139  2.121   10.613  1.00 0.00 ? 3 G B OP2    1 
ATOM 325 O "O5'"  . G B 1 3 ? -3.065  4.552   10.024  1.00 0.00 ? 3 G B "O5'"  1 
ATOM 326 C "C5'"  . G B 1 3 ? -3.453  5.908   10.148  1.00 0.00 ? 3 G B "C5'"  1 
ATOM 327 C "C4'"  . G B 1 3 ? -2.802  6.761   9.056   1.00 0.00 ? 3 G B "C4'"  1 
ATOM 328 O "O4'"  . G B 1 3 ? -1.393  6.567   9.013   1.00 0.00 ? 3 G B "O4'"  1 
ATOM 329 C "C3'"  . G B 1 3 ? -3.318  6.473   7.647   1.00 0.00 ? 3 G B "C3'"  1 
ATOM 330 O "O3'"  . G B 1 3 ? -4.543  7.128   7.356   1.00 0.00 ? 3 G B "O3'"  1 
ATOM 331 C "C2'"  . G B 1 3 ? -2.169  7.064   6.832   1.00 0.00 ? 3 G B "C2'"  1 
ATOM 332 O "O2'"  . G B 1 3 ? -2.261  8.476   6.765   1.00 0.00 ? 3 G B "O2'"  1 
ATOM 333 C "C1'"  . G B 1 3 ? -0.948  6.688   7.667   1.00 0.00 ? 3 G B "C1'"  1 
ATOM 334 N N9     . G B 1 3 ? -0.357  5.426   7.161   1.00 0.00 ? 3 G B N9     1 
ATOM 335 C C8     . G B 1 3 ? -0.452  4.148   7.655   1.00 0.00 ? 3 G B C8     1 
ATOM 336 N N7     . G B 1 3 ? 0.211   3.260   6.966   1.00 0.00 ? 3 G B N7     1 
ATOM 337 C C5     . G B 1 3 ? 0.773   3.990   5.920   1.00 0.00 ? 3 G B C5     1 
ATOM 338 C C6     . G B 1 3 ? 1.606   3.580   4.824   1.00 0.00 ? 3 G B C6     1 
ATOM 339 O O6     . G B 1 3 ? 2.041   2.464   4.556   1.00 0.00 ? 3 G B O6     1 
ATOM 340 N N1     . G B 1 3 ? 1.926   4.628   3.969   1.00 0.00 ? 3 G B N1     1 
ATOM 341 C C2     . G B 1 3 ? 1.505   5.924   4.146   1.00 0.00 ? 3 G B C2     1 
ATOM 342 N N2     . G B 1 3 ? 1.842   6.800   3.210   1.00 0.00 ? 3 G B N2     1 
ATOM 343 N N3     . G B 1 3 ? 0.753   6.330   5.177   1.00 0.00 ? 3 G B N3     1 
ATOM 344 C C4     . G B 1 3 ? 0.417   5.317   6.029   1.00 0.00 ? 3 G B C4     1 
ATOM 345 H "H5'"  . G B 1 3 ? -3.146  6.288   11.121  1.00 0.00 ? 3 G B "H5'"  1 
ATOM 346 H "H5''" . G B 1 3 ? -4.539  5.987   10.071  1.00 0.00 ? 3 G B "H5''" 1 
ATOM 347 H "H4'"  . G B 1 3 ? -2.996  7.811   9.276   1.00 0.00 ? 3 G B "H4'"  1 
ATOM 348 H "H3'"  . G B 1 3 ? -3.384  5.395   7.489   1.00 0.00 ? 3 G B "H3'"  1 
ATOM 349 H "H2'"  . G B 1 3 ? -2.130  6.634   5.834   1.00 0.00 ? 3 G B "H2'"  1 
ATOM 350 H "HO2'" . G B 1 3 ? -3.192  8.688   6.641   1.00 0.00 ? 3 G B "HO2'" 1 
ATOM 351 H "H1'"  . G B 1 3 ? -0.201  7.477   7.584   1.00 0.00 ? 3 G B "H1'"  1 
ATOM 352 H H8     . G B 1 3 ? -1.021  3.897   8.539   1.00 0.00 ? 3 G B H8     1 
ATOM 353 H H1     . G B 1 3 ? 2.491   4.400   3.163   1.00 0.00 ? 3 G B H1     1 
ATOM 354 H H21    . G B 1 3 ? 2.378   6.511   2.395   1.00 0.00 ? 3 G B H21    1 
ATOM 355 H H22    . G B 1 3 ? 1.549   7.755   3.333   1.00 0.00 ? 3 G B H22    1 
ATOM 356 P P      . U B 1 4 ? -5.547  6.585   6.212   1.00 0.00 ? 4 U B P      1 
ATOM 357 O OP1    . U B 1 4 ? -6.669  7.542   6.111   1.00 0.00 ? 4 U B OP1    1 
ATOM 358 O OP2    . U B 1 4 ? -5.816  5.158   6.489   1.00 0.00 ? 4 U B OP2    1 
ATOM 359 O "O5'"  . U B 1 4 ? -4.682  6.669   4.853   1.00 0.00 ? 4 U B "O5'"  1 
ATOM 360 C "C5'"  . U B 1 4 ? -4.477  7.888   4.161   1.00 0.00 ? 4 U B "C5'"  1 
ATOM 361 C "C4'"  . U B 1 4 ? -3.487  7.697   3.004   1.00 0.00 ? 4 U B "C4'"  1 
ATOM 362 O "O4'"  . U B 1 4 ? -2.253  7.150   3.454   1.00 0.00 ? 4 U B "O4'"  1 
ATOM 363 C "C3'"  . U B 1 4 ? -3.976  6.763   1.900   1.00 0.00 ? 4 U B "C3'"  1 
ATOM 364 O "O3'"  . U B 1 4 ? -4.893  7.391   1.018   1.00 0.00 ? 4 U B "O3'"  1 
ATOM 365 C "C2'"  . U B 1 4 ? -2.651  6.389   1.241   1.00 0.00 ? 4 U B "C2'"  1 
ATOM 366 O "O2'"  . U B 1 4 ? -2.165  7.391   0.368   1.00 0.00 ? 4 U B "O2'"  1 
ATOM 367 C "C1'"  . U B 1 4 ? -1.713  6.301   2.446   1.00 0.00 ? 4 U B "C1'"  1 
ATOM 368 N N1     . U B 1 4 ? -1.568  4.878   2.876   1.00 0.00 ? 4 U B N1     1 
ATOM 369 C C2     . U B 1 4 ? -0.716  4.066   2.118   1.00 0.00 ? 4 U B C2     1 
ATOM 370 O O2     . U B 1 4 ? -0.060  4.497   1.171   1.00 0.00 ? 4 U B O2     1 
ATOM 371 N N3     . U B 1 4 ? -0.629  2.727   2.482   1.00 0.00 ? 4 U B N3     1 
ATOM 372 C C4     . U B 1 4 ? -1.308  2.137   3.536   1.00 0.00 ? 4 U B C4     1 
ATOM 373 O O4     . U B 1 4 ? -1.161  0.944   3.774   1.00 0.00 ? 4 U B O4     1 
ATOM 374 C C5     . U B 1 4 ? -2.163  3.044   4.276   1.00 0.00 ? 4 U B C5     1 
ATOM 375 C C6     . U B 1 4 ? -2.273  4.353   3.938   1.00 0.00 ? 4 U B C6     1 
ATOM 376 H "H5'"  . U B 1 4 ? -4.079  8.635   4.844   1.00 0.00 ? 4 U B "H5'"  1 
ATOM 377 H "H5''" . U B 1 4 ? -5.428  8.245   3.765   1.00 0.00 ? 4 U B "H5''" 1 
ATOM 378 H "H4'"  . U B 1 4 ? -3.285  8.669   2.554   1.00 0.00 ? 4 U B "H4'"  1 
ATOM 379 H "H3'"  . U B 1 4 ? -4.420  5.877   2.358   1.00 0.00 ? 4 U B "H3'"  1 
ATOM 380 H "H2'"  . U B 1 4 ? -2.729  5.437   0.717   1.00 0.00 ? 4 U B "H2'"  1 
ATOM 381 H "HO2'" . U B 1 4 ? -2.672  7.333   -0.449  1.00 0.00 ? 4 U B "HO2'" 1 
ATOM 382 H "H1'"  . U B 1 4 ? -0.731  6.678   2.155   1.00 0.00 ? 4 U B "H1'"  1 
ATOM 383 H H3     . U B 1 4 ? -0.018  2.118   1.954   1.00 0.00 ? 4 U B H3     1 
ATOM 384 H H5     . U B 1 4 ? -2.723  2.656   5.115   1.00 0.00 ? 4 U B H5     1 
ATOM 385 H H6     . U B 1 4 ? -2.931  4.985   4.516   1.00 0.00 ? 4 U B H6     1 
ATOM 386 P P      . G B 1 5 ? -5.821  6.542   0.006   1.00 0.00 ? 5 G B P      1 
ATOM 387 O OP1    . G B 1 5 ? -6.890  7.436   -0.493  1.00 0.00 ? 5 G B OP1    1 
ATOM 388 O OP2    . G B 1 5 ? -6.169  5.256   0.647   1.00 0.00 ? 5 G B OP2    1 
ATOM 389 O "O5'"  . G B 1 5 ? -4.808  6.234   -1.210  1.00 0.00 ? 5 G B "O5'"  1 
ATOM 390 C "C5'"  . G B 1 5 ? -4.424  7.246   -2.122  1.00 0.00 ? 5 G B "C5'"  1 
ATOM 391 C "C4'"  . G B 1 5 ? -3.320  6.742   -3.056  1.00 0.00 ? 5 G B "C4'"  1 
ATOM 392 O "O4'"  . G B 1 5 ? -2.244  6.163   -2.325  1.00 0.00 ? 5 G B "O4'"  1 
ATOM 393 C "C3'"  . G B 1 5 ? -3.775  5.683   -4.059  1.00 0.00 ? 5 G B "C3'"  1 
ATOM 394 O "O3'"  . G B 1 5 ? -4.421  6.232   -5.196  1.00 0.00 ? 5 G B "O3'"  1 
ATOM 395 C "C2'"  . G B 1 5 ? -2.421  5.079   -4.422  1.00 0.00 ? 5 G B "C2'"  1 
ATOM 396 O "O2'"  . G B 1 5 ? -1.702  5.915   -5.311  1.00 0.00 ? 5 G B "O2'"  1 
ATOM 397 C "C1'"  . G B 1 5 ? -1.703  5.082   -3.077  1.00 0.00 ? 5 G B "C1'"  1 
ATOM 398 N N9     . G B 1 5 ? -1.886  3.783   -2.386  1.00 0.00 ? 5 G B N9     1 
ATOM 399 C C8     . G B 1 5 ? -2.685  3.456   -1.319  1.00 0.00 ? 5 G B C8     1 
ATOM 400 N N7     . G B 1 5 ? -2.563  2.221   -0.916  1.00 0.00 ? 5 G B N7     1 
ATOM 401 C C5     . G B 1 5 ? -1.638  1.668   -1.800  1.00 0.00 ? 5 G B C5     1 
ATOM 402 C C6     . G B 1 5 ? -1.104  0.339   -1.896  1.00 0.00 ? 5 G B C6     1 
ATOM 403 O O6     . G B 1 5 ? -1.325  -0.647  -1.199  1.00 0.00 ? 5 G B O6     1 
ATOM 404 N N1     . G B 1 5 ? -0.226  0.195   -2.960  1.00 0.00 ? 5 G B N1     1 
ATOM 405 C C2     . G B 1 5 ? 0.100   1.191   -3.843  1.00 0.00 ? 5 G B C2     1 
ATOM 406 N N2     . G B 1 5 ? 0.914   0.858   -4.836  1.00 0.00 ? 5 G B N2     1 
ATOM 407 N N3     . G B 1 5 ? -0.377  2.439   -3.763  1.00 0.00 ? 5 G B N3     1 
ATOM 408 C C4     . G B 1 5 ? -1.240  2.616   -2.720  1.00 0.00 ? 5 G B C4     1 
ATOM 409 H "H5'"  . G B 1 5 ? -4.052  8.109   -1.569  1.00 0.00 ? 5 G B "H5'"  1 
ATOM 410 H "H5''" . G B 1 5 ? -5.287  7.555   -2.713  1.00 0.00 ? 5 G B "H5''" 1 
ATOM 411 H "H4'"  . G B 1 5 ? -2.933  7.592   -3.620  1.00 0.00 ? 5 G B "H4'"  1 
ATOM 412 H "H3'"  . G B 1 5 ? -4.400  4.942   -3.556  1.00 0.00 ? 5 G B "H3'"  1 
ATOM 413 H "H2'"  . G B 1 5 ? -2.523  4.077   -4.835  1.00 0.00 ? 5 G B "H2'"  1 
ATOM 414 H "HO2'" . G B 1 5 ? -2.333  6.237   -5.963  1.00 0.00 ? 5 G B "HO2'" 1 
ATOM 415 H "H1'"  . G B 1 5 ? -0.638  5.232   -3.249  1.00 0.00 ? 5 G B "H1'"  1 
ATOM 416 H H8     . G B 1 5 ? -3.357  4.160   -0.850  1.00 0.00 ? 5 G B H8     1 
ATOM 417 H H1     . G B 1 5 ? 0.163   -0.724  -3.111  1.00 0.00 ? 5 G B H1     1 
ATOM 418 H H21    . G B 1 5 ? 1.244   -0.093  -4.924  1.00 0.00 ? 5 G B H21    1 
ATOM 419 H H22    . G B 1 5 ? 1.171   1.574   -5.496  1.00 0.00 ? 5 G B H22    1 
ATOM 420 P P      . C B 1 6 ? -5.383  5.342   -6.141  1.00 0.00 ? 6 C B P      1 
ATOM 421 O OP1    . C B 1 6 ? -5.879  6.216   -7.226  1.00 0.00 ? 6 C B OP1    1 
ATOM 422 O OP2    . C B 1 6 ? -6.342  4.629   -5.272  1.00 0.00 ? 6 C B OP2    1 
ATOM 423 O "O5'"  . C B 1 6 ? -4.394  4.243   -6.786  1.00 0.00 ? 6 C B "O5'"  1 
ATOM 424 C "C5'"  . C B 1 6 ? -3.499  4.560   -7.837  1.00 0.00 ? 6 C B "C5'"  1 
ATOM 425 C "C4'"  . C B 1 6 ? -2.600  3.362   -8.165  1.00 0.00 ? 6 C B "C4'"  1 
ATOM 426 O "O4'"  . C B 1 6 ? -1.924  2.857   -7.018  1.00 0.00 ? 6 C B "O4'"  1 
ATOM 427 C "C3'"  . C B 1 6 ? -3.357  2.180   -8.763  1.00 0.00 ? 6 C B "C3'"  1 
ATOM 428 O "O3'"  . C B 1 6 ? -3.632  2.364   -10.144 1.00 0.00 ? 6 C B "O3'"  1 
ATOM 429 C "C2'"  . C B 1 6 ? -2.346  1.065   -8.509  1.00 0.00 ? 6 C B "C2'"  1 
ATOM 430 O "O2'"  . C B 1 6 ? -1.290  1.104   -9.451  1.00 0.00 ? 6 C B "O2'"  1 
ATOM 431 C "C1'"  . C B 1 6 ? -1.780  1.442   -7.140  1.00 0.00 ? 6 C B "C1'"  1 
ATOM 432 N N1     . C B 1 6 ? -2.467  0.692   -6.044  1.00 0.00 ? 6 C B N1     1 
ATOM 433 C C2     . C B 1 6 ? -2.091  -0.641  -5.821  1.00 0.00 ? 6 C B C2     1 
ATOM 434 O O2     . C B 1 6 ? -1.264  -1.204  -6.537  1.00 0.00 ? 6 C B O2     1 
ATOM 435 N N3     . C B 1 6 ? -2.649  -1.330  -4.789  1.00 0.00 ? 6 C B N3     1 
ATOM 436 C C4     . C B 1 6 ? -3.553  -0.749  -3.997  1.00 0.00 ? 6 C B C4     1 
ATOM 437 N N4     . C B 1 6 ? -4.040  -1.458  -2.989  1.00 0.00 ? 6 C B N4     1 
ATOM 438 C C5     . C B 1 6 ? -3.977  0.604   -4.205  1.00 0.00 ? 6 C B C5     1 
ATOM 439 C C6     . C B 1 6 ? -3.415  1.281   -5.236  1.00 0.00 ? 6 C B C6     1 
ATOM 440 H "H5'"  . C B 1 6 ? -2.873  5.402   -7.547  1.00 0.00 ? 6 C B "H5'"  1 
ATOM 441 H "H5''" . C B 1 6 ? -4.065  4.837   -8.726  1.00 0.00 ? 6 C B "H5''" 1 
ATOM 442 H "H4'"  . C B 1 6 ? -1.850  3.683   -8.889  1.00 0.00 ? 6 C B "H4'"  1 
ATOM 443 H "H3'"  . C B 1 6 ? -4.269  2.001   -8.191  1.00 0.00 ? 6 C B "H3'"  1 
ATOM 444 H "H2'"  . C B 1 6 ? -2.818  0.084   -8.508  1.00 0.00 ? 6 C B "H2'"  1 
ATOM 445 H "HO2'" . C B 1 6 ? -1.691  1.245   -10.314 1.00 0.00 ? 6 C B "HO2'" 1 
ATOM 446 H "H1'"  . C B 1 6 ? -0.720  1.188   -7.120  1.00 0.00 ? 6 C B "H1'"  1 
ATOM 447 H H41    . C B 1 6 ? -3.703  -2.406  -2.855  1.00 0.00 ? 6 C B H41    1 
ATOM 448 H H42    . C B 1 6 ? -4.695  -1.044  -2.347  1.00 0.00 ? 6 C B H42    1 
ATOM 449 H H5     . C B 1 6 ? -4.708  1.094   -3.579  1.00 0.00 ? 6 C B H5     1 
ATOM 450 H H6     . C B 1 6 ? -3.715  2.305   -5.409  1.00 0.00 ? 6 C B H6     1 
ATOM 451 P P      . U B 1 7 ? -4.784  1.527   -10.904 1.00 0.00 ? 7 U B P      1 
ATOM 452 O OP1    . U B 1 7 ? -4.877  2.039   -12.289 1.00 0.00 ? 7 U B OP1    1 
ATOM 453 O OP2    . U B 1 7 ? -5.984  1.503   -10.042 1.00 0.00 ? 7 U B OP2    1 
ATOM 454 O "O5'"  . U B 1 7 ? -4.187  0.033   -10.956 1.00 0.00 ? 7 U B "O5'"  1 
ATOM 455 C "C5'"  . U B 1 7 ? -3.171  -0.342  -11.866 1.00 0.00 ? 7 U B "C5'"  1 
ATOM 456 C "C4'"  . U B 1 7 ? -2.739  -1.790  -11.618 1.00 0.00 ? 7 U B "C4'"  1 
ATOM 457 O "O4'"  . U B 1 7 ? -2.299  -2.009  -10.281 1.00 0.00 ? 7 U B "O4'"  1 
ATOM 458 C "C3'"  . U B 1 7 ? -3.847  -2.810  -11.874 1.00 0.00 ? 7 U B "C3'"  1 
ATOM 459 O "O3'"  . U B 1 7 ? -4.021  -3.088  -13.255 1.00 0.00 ? 7 U B "O3'"  1 
ATOM 460 C "C2'"  . U B 1 7 ? -3.278  -4.002  -11.108 1.00 0.00 ? 7 U B "C2'"  1 
ATOM 461 O "O2'"  . U B 1 7 ? -2.257  -4.644  -11.852 1.00 0.00 ? 7 U B "O2'"  1 
ATOM 462 C "C1'"  . U B 1 7 ? -2.650  -3.335  -9.886  1.00 0.00 ? 7 U B "C1'"  1 
ATOM 463 N N1     . U B 1 7 ? -3.569  -3.346  -8.708  1.00 0.00 ? 7 U B N1     1 
ATOM 464 C C2     . U B 1 7 ? -3.597  -4.498  -7.913  1.00 0.00 ? 7 U B C2     1 
ATOM 465 O O2     . U B 1 7 ? -3.028  -5.544  -8.218  1.00 0.00 ? 7 U B O2     1 
ATOM 466 N N3     . U B 1 7 ? -4.320  -4.419  -6.732  1.00 0.00 ? 7 U B N3     1 
ATOM 467 C C4     . U B 1 7 ? -5.048  -3.327  -6.295  1.00 0.00 ? 7 U B C4     1 
ATOM 468 O O4     . U B 1 7 ? -5.640  -3.372  -5.222  1.00 0.00 ? 7 U B O4     1 
ATOM 469 C C5     . U B 1 7 ? -5.044  -2.208  -7.216  1.00 0.00 ? 7 U B C5     1 
ATOM 470 C C6     . U B 1 7 ? -4.329  -2.247  -8.371  1.00 0.00 ? 7 U B C6     1 
ATOM 471 H "H5'"  . U B 1 7 ? -2.309  0.314   -11.751 1.00 0.00 ? 7 U B "H5'"  1 
ATOM 472 H "H5''" . U B 1 7 ? -3.546  -0.250  -12.887 1.00 0.00 ? 7 U B "H5''" 1 
ATOM 473 H "H4'"  . U B 1 7 ? -1.910  -2.019  -12.283 1.00 0.00 ? 7 U B "H4'"  1 
ATOM 474 H "H3'"  . U B 1 7 ? -4.776  -2.471  -11.411 1.00 0.00 ? 7 U B "H3'"  1 
ATOM 475 H "H2'"  . U B 1 7 ? -4.048  -4.717  -10.834 1.00 0.00 ? 7 U B "H2'"  1 
ATOM 476 H "HO2'" . U B 1 7 ? -2.552  -4.671  -12.767 1.00 0.00 ? 7 U B "HO2'" 1 
ATOM 477 H "H1'"  . U B 1 7 ? -1.749  -3.887  -9.621  1.00 0.00 ? 7 U B "H1'"  1 
ATOM 478 H H3     . U B 1 7 ? -4.338  -5.240  -6.144  1.00 0.00 ? 7 U B H3     1 
ATOM 479 H H5     . U B 1 7 ? -5.616  -1.326  -6.967  1.00 0.00 ? 7 U B H5     1 
ATOM 480 H H6     . U B 1 7 ? -4.348  -1.394  -9.031  1.00 0.00 ? 7 U B H6     1 
ATOM 481 P P      . C B 1 8 ? -5.396  -3.709  -13.830 1.00 0.00 ? 8 C B P      1 
ATOM 482 O OP1    . C B 1 8 ? -5.259  -3.857  -15.295 1.00 0.00 ? 8 C B OP1    1 
ATOM 483 O OP2    . C B 1 8 ? -6.526  -2.941  -13.267 1.00 0.00 ? 8 C B OP2    1 
ATOM 484 O "O5'"  . C B 1 8 ? -5.441  -5.181  -13.182 1.00 0.00 ? 8 C B "O5'"  1 
ATOM 485 C "C5'"  . C B 1 8 ? -4.671  -6.251  -13.694 1.00 0.00 ? 8 C B "C5'"  1 
ATOM 486 C "C4'"  . C B 1 8 ? -4.885  -7.499  -12.833 1.00 0.00 ? 8 C B "C4'"  1 
ATOM 487 O "O4'"  . C B 1 8 ? -4.443  -7.295  -11.500 1.00 0.00 ? 8 C B "O4'"  1 
ATOM 488 C "C3'"  . C B 1 8 ? -6.350  -7.914  -12.701 1.00 0.00 ? 8 C B "C3'"  1 
ATOM 489 O "O3'"  . C B 1 8 ? -6.873  -8.567  -13.844 1.00 0.00 ? 8 C B "O3'"  1 
ATOM 490 C "C2'"  . C B 1 8 ? -6.277  -8.823  -11.482 1.00 0.00 ? 8 C B "C2'"  1 
ATOM 491 O "O2'"  . C B 1 8 ? -5.778  -10.104 -11.822 1.00 0.00 ? 8 C B "O2'"  1 
ATOM 492 C "C1'"  . C B 1 8 ? -5.251  -8.076  -10.624 1.00 0.00 ? 8 C B "C1'"  1 
ATOM 493 N N1     . C B 1 8 ? -5.928  -7.237  -9.590  1.00 0.00 ? 8 C B N1     1 
ATOM 494 C C2     . C B 1 8 ? -6.278  -7.846  -8.378  1.00 0.00 ? 8 C B C2     1 
ATOM 495 O O2     . C B 1 8 ? -6.023  -9.028  -8.154  1.00 0.00 ? 8 C B O2     1 
ATOM 496 N N3     . C B 1 8 ? -6.933  -7.118  -7.434  1.00 0.00 ? 8 C B N3     1 
ATOM 497 C C4     . C B 1 8 ? -7.234  -5.838  -7.649  1.00 0.00 ? 8 C B C4     1 
ATOM 498 N N4     . C B 1 8 ? -7.858  -5.184  -6.679  1.00 0.00 ? 8 C B N4     1 
ATOM 499 C C5     . C B 1 8 ? -6.904  -5.183  -8.879  1.00 0.00 ? 8 C B C5     1 
ATOM 500 C C6     . C B 1 8 ? -6.261  -5.920  -9.820  1.00 0.00 ? 8 C B C6     1 
ATOM 501 H "H5'"  . C B 1 8 ? -3.613  -5.988  -13.691 1.00 0.00 ? 8 C B "H5'"  1 
ATOM 502 H "H5''" . C B 1 8 ? -4.977  -6.462  -14.718 1.00 0.00 ? 8 C B "H5''" 1 
ATOM 503 H "H4'"  . C B 1 8 ? -4.319  -8.328  -13.262 1.00 0.00 ? 8 C B "H4'"  1 
ATOM 504 H "H3'"  . C B 1 8 ? -6.956  -7.050  -12.438 1.00 0.00 ? 8 C B "H3'"  1 
ATOM 505 H "HO3'" . C B 1 8 ? -6.973  -7.914  -14.544 1.00 0.00 ? 8 C B "HO3'" 1 
ATOM 506 H "H2'"  . C B 1 8 ? -7.248  -8.909  -10.992 1.00 0.00 ? 8 C B "H2'"  1 
ATOM 507 H "HO2'" . C B 1 8 ? -6.215  -10.368 -12.638 1.00 0.00 ? 8 C B "HO2'" 1 
ATOM 508 H "H1'"  . C B 1 8 ? -4.622  -8.812  -10.131 1.00 0.00 ? 8 C B "H1'"  1 
ATOM 509 H H41    . C B 1 8 ? -8.059  -5.690  -5.821  1.00 0.00 ? 8 C B H41    1 
ATOM 510 H H42    . C B 1 8 ? -8.067  -4.205  -6.769  1.00 0.00 ? 8 C B H42    1 
ATOM 511 H H5     . C B 1 8 ? -7.146  -4.150  -9.081  1.00 0.00 ? 8 C B H5     1 
ATOM 512 H H6     . C B 1 8 ? -6.009  -5.456  -10.762 1.00 0.00 ? 8 C B H6     1 
# 
